data_2GSX
#
_entry.id   2GSX
#
_cell.length_a   1
_cell.length_b   1
_cell.length_c   1
_cell.angle_alpha   90.0
_cell.angle_beta   90.0
_cell.angle_gamma   90.0
#
_symmetry.space_group_name_H-M   'P 1'
#
_entity_poly.entity_id   1
_entity_poly.type   'polypeptide(L)'
_entity_poly.pdbx_seq_one_letter_code
;ISCGSPPPILNGRISYYSTPIAVGTVIRYSCSGTFRLIGEKSLLCITKDKVDGTWDKPAPKCEYFNKYSSCPEPIVPGGY
KIRGSTPYRHGDSVTFACKTNFSMNGNKSVWCQANNMWGPTRLPTCVSVFPLECPALPMIHNGHHTSENVGSIAPGLSVT
YSCESGYLLVGEKIINCLSSGKWSAVPPTCEEARCKSLGRFPNGKVKEPPILRVGVTANFFCDEGYRLQGPPSSRCVIAG
QGVAWTKMPVCEEIFCPSPPPILNGRHIGNSLANVSYGSIVTYTCDPDPEEGVNFILIGESTLRCTVDSQKTGTWSGPAP
RCELSTSAVQCPHPQILRGRMVSGQKDRYTYNDTVIFACMFGFTLKGSKQIRCNAQGTWEPSAPVCEKECQAPPNILNGQ
KEDRHMVRFDPGTSIKYSCNPGYVLVGEESIQCTSEGVWTPPVPQCKVAACEATGRQLLTKPQHQFVRPDVNSSCGEGYK
LSGSVYQECQGTIPWFMEIRLCKEITCPPPPVIYNGAHTGSSLEDFPYGTTVTYTCNPGPERGVEFSLIGESTIRCTSND
QERGTWSGPAPLCKLSLLAVQCSHVHIANGYKISGKEAPYFYNDTVTFKCYSGFTLKGSSQIRCKADNTWDPEIPVCEKE
TCQHVRQSLQELPAGSRVELVNTSCQDGYQLTGHAYQMCQDAENGIWFKKIPLCKVIHCHPPPVIVNGKHTGMMAENFLY
GNEVSYECDQGFYLLGEKKLQCRSDSKGHGSWSGPSPQCLRSPPVTRCPNPEVKHGYKLNKTHSAYSHNDIVYVDCNPGF
IMNGSRVIRCHTDNTWVPGVPTCIKKAFIGCPPPPKTPNGNHTGGNIARFSPGMSILYSCDQGYLLVGEALLLCTHEGTW
SQPAPHCKEVNCSSPADMDGIQKGLEPRKMYQYGAVVTLECEDGYMLEGSPQSQCQSDHQWNPPLAVCRSR
;
_entity_poly.pdbx_strand_id   A
#
# COMPACT_ATOMS: atom_id res chain seq x y z
CA ILE A 1 132.91 -101.44 -2.08
CA SER A 2 131.07 -104.66 -2.85
CA CYS A 3 131.05 -107.90 -4.82
CA GLY A 4 127.74 -110.12 -5.48
CA SER A 5 126.90 -113.46 -3.90
CA PRO A 6 129.84 -115.91 -4.23
CA PRO A 7 129.48 -118.75 -6.71
CA PRO A 8 127.94 -121.86 -5.08
CA ILE A 9 129.78 -125.14 -4.73
CA LEU A 10 128.03 -128.47 -5.04
CA ASN A 11 128.90 -130.91 -2.25
CA GLY A 12 131.00 -128.29 -0.56
CA ARG A 13 130.85 -125.43 1.91
CA ILE A 14 131.71 -121.75 1.80
CA SER A 15 133.00 -119.94 4.87
CA TYR A 16 130.68 -117.50 6.69
CA TYR A 17 130.69 -113.97 5.25
CA SER A 18 129.04 -110.64 6.14
CA THR A 19 126.91 -108.48 3.86
CA PRO A 20 127.50 -106.41 1.84
CA ILE A 21 130.55 -108.17 0.34
CA ALA A 22 133.30 -105.50 0.39
CA VAL A 23 136.37 -105.33 -1.86
CA GLY A 24 139.04 -107.33 -0.07
CA THR A 25 136.67 -109.89 1.40
CA VAL A 26 138.18 -113.44 1.33
CA ILE A 27 135.87 -116.46 0.99
CA ARG A 28 137.04 -120.05 1.57
CA TYR A 29 135.62 -123.16 -0.10
CA SER A 30 136.01 -126.73 1.17
CA CYS A 31 134.67 -130.24 0.45
CA SER A 32 133.31 -133.11 2.58
CA GLY A 33 135.61 -135.95 3.50
CA THR A 34 134.82 -138.20 0.58
CA PHE A 35 135.22 -135.40 -1.93
CA ARG A 36 138.24 -133.60 -3.25
CA LEU A 37 138.55 -129.85 -3.90
CA ILE A 38 139.72 -129.00 -7.43
CA GLY A 39 141.05 -125.44 -7.83
CA GLU A 40 142.13 -122.63 -5.50
CA LYS A 41 140.12 -122.68 -2.24
CA SER A 42 140.02 -118.91 -1.53
CA LEU A 43 138.34 -116.29 -3.62
CA LEU A 44 139.06 -112.60 -3.16
CA CYS A 45 136.56 -109.81 -3.84
CA ILE A 46 138.47 -107.36 -6.04
CA THR A 47 137.77 -104.44 -8.38
CA LYS A 48 139.61 -104.21 -11.70
CA ASP A 49 137.94 -101.01 -13.01
CA LYS A 50 137.46 -99.20 -9.71
CA VAL A 51 133.70 -99.20 -10.28
CA ASP A 52 132.40 -102.78 -10.07
CA GLY A 53 133.54 -105.65 -7.84
CA THR A 54 134.26 -109.23 -9.04
CA TRP A 55 135.59 -112.34 -7.34
CA ASP A 56 139.19 -112.76 -8.51
CA LYS A 57 138.71 -116.31 -9.78
CA PRO A 58 136.08 -118.93 -10.54
CA ALA A 59 134.82 -121.01 -7.65
CA PRO A 60 136.64 -124.35 -7.22
CA LYS A 61 134.63 -127.63 -7.37
CA CYS A 62 134.20 -130.75 -5.22
CA GLU A 63 131.83 -133.53 -4.39
CA TYR A 64 128.06 -134.16 -5.07
CA PHE A 65 126.86 -136.92 -2.51
CA ASN A 66 123.42 -138.73 -1.51
CA LYS A 67 123.10 -142.08 0.72
CA TYR A 68 120.06 -144.17 -0.64
CA SER A 69 117.28 -146.05 1.25
CA SER A 70 114.42 -148.87 0.61
CA CYS A 71 110.54 -148.76 1.42
CA PRO A 72 108.36 -145.85 2.47
CA GLU A 73 106.00 -146.23 5.38
CA PRO A 74 103.12 -148.42 4.18
CA ILE A 75 99.80 -146.82 5.03
CA VAL A 76 96.38 -148.42 4.99
CA PRO A 77 93.42 -146.10 5.64
CA GLY A 78 91.02 -147.69 8.06
CA GLY A 79 93.80 -149.93 9.38
CA TYR A 80 97.08 -150.07 11.33
CA LYS A 81 100.28 -152.11 11.70
CA ILE A 82 100.37 -155.00 14.15
CA ARG A 83 103.82 -156.13 13.12
CA GLY A 84 106.97 -154.49 11.70
CA SER A 85 107.99 -150.82 12.00
CA THR A 86 110.45 -148.28 10.57
CA PRO A 87 113.07 -148.42 9.13
CA TYR A 88 111.78 -150.58 6.26
CA ARG A 89 114.68 -152.45 4.64
CA HIS A 90 115.04 -155.16 2.01
CA GLY A 91 113.22 -158.31 3.08
CA ASP A 92 111.43 -156.63 6.03
CA SER A 93 107.80 -157.45 6.44
CA VAL A 94 104.77 -155.60 7.75
CA THR A 95 101.44 -157.04 8.90
CA PHE A 96 98.24 -154.94 9.05
CA ALA A 97 94.88 -155.24 10.90
CA CYS A 98 91.71 -153.21 10.29
CA LYS A 99 90.28 -150.86 12.91
CA THR A 100 86.92 -151.66 14.56
CA ASN A 101 84.00 -151.54 12.10
CA PHE A 102 86.41 -152.18 9.24
CA SER A 103 87.02 -155.40 7.35
CA MET A 104 90.13 -156.30 5.37
CA ASN A 105 90.48 -156.94 1.65
CA GLY A 106 93.62 -158.45 0.24
CA ASN A 107 96.69 -159.90 1.92
CA LYS A 108 97.46 -158.62 5.40
CA SER A 109 101.28 -158.86 5.10
CA VAL A 110 103.67 -157.16 2.73
CA TRP A 111 107.44 -157.29 2.15
CA CYS A 112 109.85 -154.49 1.33
CA GLN A 113 111.25 -155.42 -2.13
CA ALA A 114 114.61 -154.54 -3.71
CA ASN A 115 112.87 -152.04 -6.02
CA ASN A 116 111.80 -150.10 -2.86
CA MET A 117 108.18 -151.06 -3.16
CA TRP A 118 105.95 -153.17 -0.98
CA GLY A 119 105.17 -156.88 -1.17
CA PRO A 120 104.34 -159.18 -4.04
CA THR A 121 100.68 -158.12 -3.63
CA ARG A 122 99.18 -154.66 -3.28
CA LEU A 123 98.61 -153.22 0.23
CA PRO A 124 95.43 -154.55 1.83
CA THR A 125 92.41 -152.29 2.18
CA CYS A 126 90.02 -151.75 5.07
CA VAL A 127 86.50 -150.97 3.51
CA SER A 128 82.67 -150.87 4.78
CA VAL A 129 79.28 -150.70 3.01
CA PHE A 130 75.41 -149.52 3.20
CA PRO A 131 71.98 -150.05 1.22
CA LEU A 132 68.67 -148.08 2.20
CA GLU A 133 64.91 -148.42 3.47
CA CYS A 134 61.54 -146.36 2.96
CA PRO A 135 60.62 -143.06 4.46
CA ALA A 136 57.36 -142.84 6.34
CA LEU A 137 54.37 -142.34 4.11
CA PRO A 138 53.07 -138.89 3.59
CA MET A 139 50.23 -137.66 5.74
CA ILE A 140 46.95 -137.04 4.07
CA HIS A 141 44.55 -134.61 5.53
CA ASN A 142 41.41 -136.29 6.72
CA GLY A 143 42.67 -139.84 6.26
CA HIS A 144 45.38 -142.42 7.22
CA HIS A 145 45.85 -146.18 7.55
CA THR A 146 48.77 -148.00 9.00
CA SER A 147 50.74 -150.98 7.92
CA GLU A 148 52.08 -153.12 10.65
CA ASN A 149 54.79 -150.70 11.47
CA VAL A 150 54.66 -147.17 10.29
CA GLY A 151 57.41 -144.65 10.51
CA SER A 152 59.49 -147.18 8.71
CA ILE A 153 58.55 -149.51 5.95
CA ALA A 154 60.52 -152.27 4.36
CA PRO A 155 60.87 -152.09 0.67
CA GLY A 156 57.97 -153.38 -1.34
CA LEU A 157 55.89 -152.31 1.59
CA SER A 158 52.51 -151.06 0.58
CA VAL A 159 50.52 -148.44 2.36
CA THR A 160 46.82 -147.99 1.87
CA TYR A 161 44.95 -144.76 2.37
CA SER A 162 41.42 -144.23 3.61
CA CYS A 163 39.24 -141.20 4.10
CA GLU A 164 37.00 -140.05 6.94
CA SER A 165 33.25 -140.29 6.69
CA GLY A 166 32.05 -137.58 4.38
CA TYR A 167 35.21 -137.61 2.33
CA LEU A 168 35.97 -139.16 -1.03
CA LEU A 169 39.31 -140.40 -2.15
CA VAL A 170 40.66 -139.35 -5.50
CA GLY A 171 43.81 -140.80 -6.94
CA GLU A 172 45.48 -144.11 -6.29
CA LYS A 173 44.48 -145.53 -2.95
CA ILE A 174 47.72 -147.37 -2.37
CA ILE A 175 51.35 -146.55 -2.88
CA ASN A 176 54.29 -148.91 -2.76
CA CYS A 177 57.89 -148.12 -2.22
CA LEU A 178 60.85 -149.37 -4.17
CA SER A 179 63.51 -151.64 -2.76
CA SER A 180 65.23 -148.42 -2.02
CA GLY A 181 64.06 -145.02 -2.94
CA LYS A 182 60.87 -143.12 -2.73
CA TRP A 183 57.23 -143.94 -2.89
CA SER A 184 55.70 -144.75 -6.23
CA ALA A 185 53.66 -141.61 -6.38
CA VAL A 186 51.85 -138.88 -4.50
CA PRO A 187 49.27 -139.75 -1.99
CA PRO A 188 45.60 -139.60 -2.70
CA THR A 189 43.53 -136.68 -1.55
CA CYS A 190 40.27 -136.76 0.31
CA GLU A 191 37.56 -134.56 -1.24
CA GLU A 192 34.27 -132.36 -0.54
CA ALA A 193 32.88 -129.30 -2.76
CA ARG A 194 30.81 -126.21 -1.47
CA CYS A 195 26.94 -124.68 -1.72
CA LYS A 196 24.72 -122.12 -3.38
CA SER A 197 25.62 -118.57 -2.51
CA LEU A 198 23.73 -117.34 0.50
CA GLY A 199 21.90 -114.14 -0.10
CA ARG A 200 22.43 -111.40 2.42
CA PHE A 201 19.85 -110.82 5.07
CA PRO A 202 18.34 -107.49 5.73
CA ASN A 203 19.76 -105.58 8.68
CA GLY A 204 22.49 -108.09 9.00
CA LYS A 205 25.48 -109.56 7.28
CA VAL A 206 26.87 -112.94 6.49
CA LYS A 207 30.48 -113.42 7.35
CA GLU A 208 32.15 -115.74 4.95
CA PRO A 209 35.34 -117.54 5.38
CA PRO A 210 37.60 -117.17 2.46
CA ILE A 211 35.62 -119.91 0.82
CA LEU A 212 32.23 -121.43 1.19
CA ARG A 213 32.45 -124.98 -0.06
CA VAL A 214 31.49 -128.21 1.55
CA GLY A 215 32.74 -128.18 5.10
CA VAL A 216 32.88 -124.42 5.51
CA THR A 217 30.60 -122.50 7.80
CA ALA A 218 29.23 -119.04 7.39
CA ASN A 219 28.38 -116.90 10.37
CA PHE A 220 25.36 -114.69 10.58
CA PHE A 221 25.43 -111.50 12.54
CA CYS A 222 23.12 -108.56 12.84
CA ASP A 223 23.68 -104.88 13.15
CA GLU A 224 23.60 -103.81 16.74
CA GLY A 225 20.07 -103.57 18.00
CA TYR A 226 18.74 -106.41 15.89
CA ARG A 227 18.69 -110.06 16.92
CA LEU A 228 19.02 -113.03 14.67
CA GLN A 229 15.93 -115.10 14.31
CA GLY A 230 17.28 -118.43 13.33
CA PRO A 231 20.56 -120.16 13.64
CA PRO A 232 23.76 -118.34 14.29
CA SER A 233 25.78 -120.20 11.70
CA SER A 234 25.20 -122.48 8.80
CA ARG A 235 27.49 -125.19 7.52
CA CYS A 236 27.79 -126.34 3.95
CA VAL A 237 27.19 -130.03 4.20
CA ILE A 238 26.84 -132.87 1.78
CA ALA A 239 23.79 -135.04 2.25
CA GLY A 240 22.87 -138.03 0.18
CA GLN A 241 23.16 -136.54 -3.27
CA GLY A 242 22.87 -132.96 -2.25
CA VAL A 243 24.84 -130.11 -0.85
CA ALA A 244 22.86 -127.78 1.33
CA TRP A 245 23.09 -125.25 4.11
CA THR A 246 20.68 -124.27 6.88
CA LYS A 247 17.86 -121.84 6.37
CA MET A 248 19.17 -118.32 6.54
CA PRO A 249 18.17 -116.38 9.53
CA VAL A 250 16.17 -113.20 9.53
CA CYS A 251 17.06 -110.30 11.69
CA GLU A 252 13.99 -108.24 9.80
CA GLU A 253 10.25 -108.23 10.64
CA ILE A 254 7.39 -106.63 8.48
CA PHE A 255 3.61 -105.75 9.20
CA CYS A 256 0.70 -103.78 8.12
CA PRO A 257 -0.15 -100.27 8.97
CA SER A 258 -3.28 -98.44 7.97
CA PRO A 259 -3.75 -98.12 4.31
CA PRO A 260 -2.97 -94.96 2.49
CA PRO A 261 -5.79 -92.49 2.44
CA ILE A 262 -7.14 -91.26 -0.84
CA LEU A 263 -8.69 -87.92 -1.52
CA ASN A 264 -12.29 -88.15 -2.63
CA GLY A 265 -12.19 -91.88 -2.10
CA ARG A 266 -12.91 -94.30 0.69
CA HIS A 267 -11.71 -97.67 1.81
CA ILE A 268 -14.41 -100.17 2.18
CA GLY A 269 -14.60 -102.96 4.67
CA ASN A 270 -11.08 -102.64 5.79
CA SER A 271 -10.61 -103.00 9.47
CA LEU A 272 -9.43 -99.79 10.96
CA ALA A 273 -7.37 -101.90 13.23
CA ASN A 274 -4.16 -103.04 11.71
CA VAL A 275 -4.65 -105.73 9.15
CA SER A 276 -2.67 -108.91 9.04
CA TYR A 277 -0.45 -110.05 6.23
CA GLY A 278 -2.31 -111.06 3.12
CA SER A 279 -5.18 -108.77 3.91
CA ILE A 280 -6.68 -107.18 0.84
CA VAL A 281 -8.14 -103.72 0.83
CA THR A 282 -10.33 -102.15 -1.81
CA TYR A 283 -10.60 -98.49 -2.61
CA THR A 284 -13.61 -96.64 -3.94
CA CYS A 285 -14.25 -93.13 -5.20
CA ASP A 286 -17.03 -90.72 -4.34
CA PRO A 287 -20.08 -91.43 -6.37
CA ASP A 288 -21.57 -88.29 -4.96
CA PRO A 289 -24.69 -89.44 -3.25
CA GLU A 290 -25.61 -92.12 -5.76
CA GLU A 291 -22.99 -93.26 -8.26
CA GLY A 292 -22.43 -90.80 -11.02
CA VAL A 293 -19.81 -89.24 -13.17
CA ASN A 294 -17.67 -87.70 -10.52
CA PHE A 295 -14.22 -88.74 -9.46
CA ILE A 296 -13.13 -92.02 -11.00
CA LEU A 297 -10.61 -94.49 -9.69
CA ILE A 298 -7.36 -94.67 -11.57
CA GLY A 299 -4.77 -97.31 -10.87
CA GLU A 300 -5.06 -100.61 -9.08
CA SER A 301 -8.20 -100.49 -7.02
CA THR A 302 -6.88 -103.04 -4.58
CA LEU A 303 -3.79 -103.36 -2.42
CA ARG A 304 -2.43 -106.31 -0.48
CA CYS A 305 -0.31 -106.50 2.62
CA THR A 306 3.08 -107.99 2.03
CA VAL A 307 6.14 -108.61 4.18
CA ASP A 308 9.70 -107.85 3.12
CA SER A 309 11.24 -110.46 5.35
CA GLN A 310 8.79 -111.35 8.05
CA LYS A 311 9.48 -107.81 9.05
CA THR A 312 7.01 -105.05 9.31
CA GLY A 313 4.36 -105.48 6.72
CA THR A 314 4.26 -103.16 3.77
CA TRP A 315 1.54 -102.55 1.23
CA SER A 316 2.17 -103.84 -2.27
CA GLY A 317 1.86 -100.53 -4.04
CA PRO A 318 0.58 -97.05 -3.96
CA ALA A 319 -3.06 -96.32 -3.52
CA PRO A 320 -5.21 -95.36 -6.43
CA ARG A 321 -6.24 -91.81 -7.19
CA CYS A 322 -9.72 -90.45 -7.80
CA GLU A 323 -9.89 -86.96 -5.94
CA LEU A 324 -8.97 -85.33 -2.38
CA SER A 325 -11.38 -83.42 0.08
CA THR A 326 -11.31 -81.36 3.48
CA SER A 327 -14.00 -79.82 5.85
CA ALA A 328 -13.47 -77.22 8.68
CA VAL A 329 -15.42 -73.83 8.28
CA GLN A 330 -16.38 -70.91 10.49
CA CYS A 331 -19.24 -68.20 11.28
CA PRO A 332 -18.47 -64.58 11.67
CA HIS A 333 -20.25 -62.23 14.02
CA PRO A 334 -23.77 -61.59 13.00
CA GLN A 335 -24.47 -58.31 11.32
CA ILE A 336 -27.33 -56.63 13.06
CA LEU A 337 -28.08 -53.08 13.96
CA ARG A 338 -29.61 -52.17 17.27
CA GLY A 339 -30.80 -55.69 17.89
CA ARG A 340 -28.40 -57.47 20.20
CA MET A 341 -27.92 -61.19 20.11
CA VAL A 342 -28.48 -62.78 23.46
CA SER A 343 -27.40 -66.37 23.28
CA GLY A 344 -23.94 -67.76 23.35
CA GLN A 345 -21.95 -64.93 21.88
CA LYS A 346 -18.49 -65.82 20.75
CA ASP A 347 -15.81 -64.26 18.61
CA ARG A 348 -15.46 -67.31 16.42
CA TYR A 349 -18.59 -69.30 15.75
CA THR A 350 -18.74 -72.73 14.30
CA TYR A 351 -21.21 -74.76 12.36
CA ASN A 352 -24.71 -75.03 13.79
CA ASP A 353 -24.35 -72.36 16.33
CA THR A 354 -27.56 -70.44 16.46
CA VAL A 355 -28.03 -66.94 17.69
CA ILE A 356 -31.25 -65.19 18.56
CA PHE A 357 -31.61 -61.45 18.39
CA ALA A 358 -33.66 -59.22 20.54
CA CYS A 359 -34.26 -55.65 19.58
CA MET A 360 -33.79 -52.76 21.91
CA PHE A 361 -36.85 -51.29 23.50
CA GLY A 362 -38.94 -49.44 20.99
CA PHE A 363 -37.74 -51.50 18.09
CA THR A 364 -39.38 -54.34 16.22
CA LEU A 365 -37.54 -57.07 14.44
CA LYS A 366 -38.16 -57.36 10.75
CA GLY A 367 -36.95 -60.81 9.90
CA SER A 368 -36.33 -64.09 11.65
CA LYS A 369 -35.46 -63.95 15.32
CA GLN A 370 -32.69 -66.48 15.24
CA ILE A 371 -29.96 -67.30 12.78
CA ARG A 372 -28.09 -70.54 12.31
CA CYS A 373 -24.70 -71.01 10.77
CA ASN A 374 -24.71 -73.47 7.97
CA ALA A 375 -22.07 -75.72 6.51
CA GLN A 376 -21.65 -73.18 3.75
CA GLY A 377 -20.53 -70.76 6.41
CA THR A 378 -23.34 -68.37 5.70
CA TRP A 379 -26.12 -67.43 8.01
CA GLU A 380 -29.57 -68.67 7.32
CA PRO A 381 -31.91 -67.24 7.42
CA SER A 382 -30.28 -63.95 6.48
CA ALA A 383 -29.64 -61.55 9.33
CA PRO A 384 -32.57 -59.53 10.54
CA VAL A 385 -32.88 -55.80 11.02
CA CYS A 386 -34.44 -53.96 13.96
CA GLU A 387 -37.05 -51.35 13.09
CA LYS A 388 -39.82 -49.20 15.11
CA GLU A 389 -42.16 -45.94 15.32
CA CYS A 390 -44.02 -43.73 17.97
CA GLN A 391 -46.63 -44.18 20.65
CA ALA A 392 -48.64 -41.30 21.97
CA PRO A 393 -46.83 -39.06 24.30
CA PRO A 394 -47.01 -39.43 27.99
CA ASN A 395 -49.59 -37.50 29.94
CA ILE A 396 -48.57 -34.76 32.29
CA LEU A 397 -50.49 -33.67 35.33
CA ASN A 398 -51.40 -30.02 35.31
CA GLY A 399 -49.91 -29.76 31.86
CA GLN A 400 -50.95 -30.01 28.24
CA LYS A 401 -49.37 -31.20 25.04
CA GLU A 402 -48.67 -28.49 22.54
CA ASP A 403 -50.64 -29.06 19.37
CA ARG A 404 -49.91 -32.69 19.06
CA HIS A 405 -50.05 -33.40 15.39
CA MET A 406 -50.61 -36.89 14.21
CA VAL A 407 -52.07 -39.05 16.91
CA ARG A 408 -49.39 -41.48 16.01
CA PHE A 409 -46.19 -39.52 15.84
CA ASP A 410 -43.71 -40.64 13.26
CA PRO A 411 -40.13 -41.07 14.16
CA GLY A 412 -38.08 -37.95 14.69
CA THR A 413 -41.24 -36.18 15.66
CA SER A 414 -41.03 -33.69 18.46
CA ILE A 415 -43.68 -33.05 21.08
CA LYS A 416 -43.74 -30.05 23.37
CA TYR A 417 -45.23 -29.96 26.82
CA SER A 418 -46.87 -26.92 28.36
CA CYS A 419 -47.96 -26.07 31.88
CA ASN A 420 -51.21 -24.43 32.82
CA PRO A 421 -51.21 -21.02 34.27
CA GLY A 422 -49.75 -20.92 37.73
CA TYR A 423 -47.36 -23.74 37.02
CA VAL A 424 -43.78 -23.85 35.85
CA LEU A 425 -42.14 -26.66 34.01
CA VAL A 426 -39.21 -28.64 35.30
CA GLY A 427 -37.17 -30.82 33.02
CA GLU A 428 -36.91 -31.11 29.27
CA GLU A 429 -39.75 -29.24 27.66
CA SER A 430 -39.62 -31.26 24.50
CA ILE A 431 -39.39 -34.98 23.85
CA GLN A 432 -38.57 -36.67 20.62
CA CYS A 433 -39.16 -40.24 19.77
CA THR A 434 -36.20 -41.74 18.03
CA SER A 435 -34.36 -44.95 17.35
CA GLU A 436 -37.70 -45.76 15.82
CA GLY A 437 -38.79 -46.56 19.30
CA VAL A 438 -40.42 -44.86 22.21
CA TRP A 439 -39.99 -41.33 23.44
CA THR A 440 -36.50 -40.86 24.71
CA PRO A 441 -36.92 -38.68 27.76
CA PRO A 442 -39.35 -38.79 30.58
CA VAL A 443 -42.05 -36.16 30.45
CA PRO A 444 -41.48 -32.97 32.32
CA GLN A 445 -43.34 -32.06 35.48
CA CYS A 446 -45.32 -28.93 36.06
CA LYS A 447 -48.70 -28.57 37.44
CA VAL A 448 -52.33 -29.51 36.37
CA ALA A 449 -55.49 -28.25 38.51
CA ALA A 450 -58.98 -26.65 38.18
CA CYS A 451 -61.89 -25.66 40.67
CA GLU A 452 -65.50 -24.19 40.60
CA ALA A 453 -66.20 -20.39 40.99
CA THR A 454 -66.69 -18.99 44.60
CA GLY A 455 -69.49 -16.75 45.94
CA ARG A 456 -67.97 -13.44 47.25
CA GLN A 457 -68.65 -12.89 51.02
CA LEU A 458 -69.99 -9.34 51.86
CA LEU A 459 -66.75 -7.36 52.75
CA THR A 460 -63.90 -9.87 51.80
CA LYS A 461 -61.16 -10.15 49.02
CA PRO A 462 -61.42 -13.31 46.63
CA GLN A 463 -58.45 -14.48 44.39
CA HIS A 464 -59.38 -16.86 41.43
CA GLN A 465 -56.77 -18.50 39.21
CA PHE A 466 -58.69 -21.81 39.25
CA VAL A 467 -55.87 -24.36 40.41
CA ARG A 468 -52.79 -23.35 42.67
CA PRO A 469 -53.36 -20.06 44.93
CA ASP A 470 -53.65 -19.92 48.79
CA VAL A 471 -57.00 -17.96 49.36
CA ASN A 472 -56.63 -16.34 52.87
CA SER A 473 -60.16 -14.90 53.80
CA SER A 474 -59.48 -11.26 54.97
CA CYS A 475 -62.66 -9.39 56.17
CA GLY A 476 -63.07 -5.52 56.03
CA GLU A 477 -61.86 -3.93 59.35
CA GLY A 478 -64.80 -4.02 61.81
CA TYR A 479 -66.09 -7.45 60.48
CA LYS A 480 -64.83 -10.96 61.66
CA LEU A 481 -64.45 -14.37 59.76
CA SER A 482 -66.84 -17.33 60.69
CA GLY A 483 -65.25 -20.67 59.43
CA SER A 484 -61.58 -21.11 58.27
CA VAL A 485 -58.44 -18.86 57.72
CA TYR A 486 -56.83 -20.37 54.45
CA GLN A 487 -57.73 -22.75 51.50
CA GLU A 488 -55.64 -24.06 48.49
CA CYS A 489 -57.32 -25.58 45.33
CA GLN A 490 -55.84 -28.92 44.02
CA GLY A 491 -56.05 -31.76 41.39
CA THR A 492 -57.92 -33.92 44.04
CA ILE A 493 -61.01 -32.19 45.79
CA PRO A 494 -61.84 -28.63 44.22
CA TRP A 495 -61.56 -26.26 47.30
CA PHE A 496 -59.94 -27.59 50.57
CA MET A 497 -62.80 -26.25 52.91
CA GLU A 498 -66.29 -24.48 53.02
CA ILE A 499 -66.84 -20.66 52.29
CA ARG A 500 -67.13 -18.43 55.44
CA LEU A 501 -69.24 -15.29 56.45
CA CYS A 502 -67.80 -11.81 57.44
CA LYS A 503 -70.55 -11.05 60.36
CA GLU A 504 -71.50 -10.24 64.01
CA ILE A 505 -72.87 -11.60 67.45
CA THR A 506 -75.39 -10.13 70.04
CA CYS A 507 -74.23 -8.29 73.41
CA PRO A 508 -71.52 -9.02 75.85
CA PRO A 509 -72.29 -9.55 79.45
CA PRO A 510 -73.50 -6.51 81.24
CA PRO A 511 -71.27 -4.53 83.45
CA VAL A 512 -71.19 -5.58 87.05
CA ILE A 513 -71.77 -2.93 89.64
CA TYR A 514 -70.28 -2.76 93.10
CA ASN A 515 -72.80 -3.20 95.87
CA GLY A 516 -75.44 -3.81 93.27
CA ALA A 517 -76.84 -6.86 91.58
CA HIS A 518 -78.20 -7.84 88.22
CA THR A 519 -81.74 -8.97 88.53
CA GLY A 520 -82.76 -12.06 86.68
CA SER A 521 -79.43 -12.29 84.97
CA SER A 522 -80.13 -14.41 81.98
CA LEU A 523 -77.77 -16.32 79.78
CA GLU A 524 -74.50 -14.58 79.42
CA ASP A 525 -75.54 -14.20 75.87
CA PHE A 526 -78.02 -11.38 75.95
CA PRO A 527 -80.22 -11.15 72.99
CA TYR A 528 -80.63 -8.06 70.92
CA GLY A 529 -83.05 -5.66 72.50
CA THR A 530 -82.79 -7.53 75.75
CA THR A 531 -83.01 -5.46 78.88
CA VAL A 532 -81.01 -5.78 82.06
CA THR A 533 -82.11 -4.21 85.30
CA TYR A 534 -79.82 -3.28 88.16
CA THR A 535 -80.55 -2.95 91.83
CA CYS A 536 -78.59 -1.94 94.91
CA ASN A 537 -78.20 -3.96 98.09
CA PRO A 538 -80.95 -3.00 100.46
CA GLY A 539 -79.55 -5.64 102.63
CA PRO A 540 -82.18 -8.23 102.76
CA GLU A 541 -85.43 -6.34 103.27
CA ARG A 542 -84.55 -2.82 102.28
CA GLY A 543 -82.62 -0.17 104.06
CA VAL A 544 -80.67 2.96 103.58
CA GLU A 545 -77.55 1.35 102.30
CA PHE A 546 -76.32 2.25 98.86
CA SER A 547 -78.54 4.21 96.52
CA LEU A 548 -79.00 3.75 92.81
CA ILE A 549 -77.76 6.58 90.71
CA GLY A 550 -78.37 6.85 87.01
CA GLU A 551 -80.34 4.70 84.59
CA SER A 552 -81.57 1.65 86.40
CA THR A 553 -81.91 -0.24 83.14
CA ILE A 554 -79.71 -0.90 80.14
CA ARG A 555 -80.53 -2.45 76.78
CA CYS A 556 -78.67 -4.30 74.07
CA THR A 557 -78.42 -2.27 70.92
CA SER A 558 -76.29 -2.00 67.82
CA ASN A 559 -73.63 0.52 66.86
CA ASP A 560 -70.96 -1.50 65.17
CA GLN A 561 -72.39 -4.13 62.94
CA GLU A 562 -71.96 -6.97 65.36
CA ARG A 563 -70.77 -7.46 68.87
CA GLY A 564 -73.81 -5.56 70.03
CA THR A 565 -73.03 -2.90 72.57
CA TRP A 566 -75.08 -1.78 75.49
CA SER A 567 -76.91 1.53 75.49
CA GLY A 568 -74.95 3.17 78.25
CA PRO A 569 -73.07 2.85 81.43
CA ALA A 570 -74.47 0.99 84.37
CA PRO A 571 -75.77 2.78 87.37
CA LEU A 572 -73.77 3.39 90.52
CA CYS A 573 -74.77 2.37 94.03
CA LYS A 574 -73.06 5.08 96.28
CA LEU A 575 -73.31 7.98 98.87
CA SER A 576 -72.96 11.97 99.12
CA LEU A 577 -72.04 12.98 102.69
CA LEU A 578 -72.78 16.66 103.81
CA ALA A 579 -72.61 17.32 107.77
CA VAL A 580 -71.53 20.41 109.81
CA GLN A 581 -73.64 22.69 112.42
CA CYS A 582 -72.41 25.17 114.96
CA SER A 583 -74.52 27.53 116.99
CA HIS A 584 -73.43 30.87 118.38
CA VAL A 585 -70.32 30.67 120.47
CA HIS A 586 -70.95 31.18 124.14
CA ILE A 587 -68.47 33.59 125.59
CA ALA A 588 -69.12 36.46 127.90
CA ASN A 589 -67.02 39.62 127.88
CA GLY A 590 -65.24 38.60 124.71
CA TYR A 591 -67.00 39.27 121.43
CA LYS A 592 -65.95 37.38 118.33
CA ILE A 593 -65.03 39.58 115.42
CA SER A 594 -64.80 37.46 112.33
CA GLY A 595 -67.46 35.94 110.12
CA LYS A 596 -70.23 36.36 112.71
CA GLU A 597 -73.03 34.50 111.01
CA ALA A 598 -75.82 32.20 111.87
CA PRO A 599 -75.71 29.36 111.43
CA TYR A 600 -72.03 28.45 111.28
CA PHE A 601 -70.90 25.55 109.22
CA TYR A 602 -68.14 23.05 109.71
CA ASN A 603 -64.67 24.52 109.67
CA ASP A 604 -65.81 28.00 110.41
CA THR A 605 -63.52 29.54 112.94
CA VAL A 606 -63.94 32.66 114.93
CA THR A 607 -61.52 34.72 116.97
CA PHE A 608 -62.56 36.33 120.23
CA LYS A 609 -61.55 39.84 121.08
CA CYS A 610 -62.02 40.77 124.69
CA TYR A 611 -63.50 43.95 126.08
CA SER A 612 -60.92 46.44 127.16
CA GLY A 613 -59.59 45.46 130.53
CA PHE A 614 -59.99 41.74 129.98
CA THR A 615 -57.61 38.93 129.15
CA LEU A 616 -58.58 35.62 127.60
CA LYS A 617 -58.23 32.54 129.66
CA GLY A 618 -58.31 29.91 126.96
CA SER A 619 -57.73 29.68 123.23
CA SER A 620 -58.40 32.85 121.30
CA GLN A 621 -59.97 31.23 118.26
CA ILE A 622 -62.59 28.54 118.02
CA ARG A 623 -63.26 26.01 115.26
CA CYS A 624 -66.46 24.19 114.42
CA LYS A 625 -66.04 20.46 114.26
CA ALA A 626 -68.04 17.73 112.58
CA ASP A 627 -69.45 16.80 115.95
CA ASN A 628 -70.92 20.29 115.85
CA THR A 629 -69.10 21.24 118.99
CA TRP A 630 -66.45 23.88 119.24
CA ASP A 631 -62.86 22.86 119.57
CA PRO A 632 -61.19 23.92 121.53
CA GLU A 633 -64.09 24.64 123.86
CA ILE A 634 -65.14 28.24 124.26
CA PRO A 635 -62.86 30.43 126.26
CA VAL A 636 -63.72 33.08 128.80
CA CYS A 637 -62.51 36.64 128.92
CA GLU A 638 -61.84 37.75 132.61
CA LYS A 639 -60.86 40.98 134.89
CA GLU A 640 -59.10 40.41 138.21
CA THR A 641 -56.66 42.68 140.30
CA CYS A 642 -56.76 44.92 143.82
CA GLN A 643 -58.55 44.64 147.09
CA HIS A 644 -62.10 45.85 146.98
CA VAL A 645 -62.33 49.61 146.88
CA ARG A 646 -65.36 50.91 148.68
CA GLN A 647 -67.80 52.52 146.36
CA SER A 648 -67.63 56.06 147.47
CA LEU A 649 -71.09 57.27 148.04
CA GLN A 650 -72.30 59.03 144.94
CA GLU A 651 -69.27 57.91 143.04
CA LEU A 652 -68.27 55.10 140.67
CA PRO A 653 -66.10 52.02 141.22
CA ALA A 654 -64.29 49.37 139.11
CA GLY A 655 -61.35 47.15 139.81
CA SER A 656 -58.81 44.73 138.46
CA ARG A 657 -55.07 44.40 138.52
CA VAL A 658 -54.76 46.60 135.53
CA GLU A 659 -57.70 48.90 135.83
CA LEU A 660 -57.35 52.58 136.30
CA VAL A 661 -60.07 54.14 138.21
CA ASN A 662 -61.02 57.71 137.73
CA THR A 663 -63.15 59.06 140.45
CA SER A 664 -66.06 61.02 139.25
CA CYS A 665 -68.72 62.10 141.63
CA GLN A 666 -72.31 62.46 140.66
CA ASP A 667 -73.09 65.98 139.69
CA GLY A 668 -73.54 68.09 142.78
CA TYR A 669 -70.87 66.29 144.73
CA GLN A 670 -67.22 67.20 144.39
CA LEU A 671 -64.47 64.69 144.94
CA THR A 672 -62.16 65.14 147.85
CA GLY A 673 -59.10 63.12 147.20
CA HIS A 674 -57.24 62.14 144.08
CA ALA A 675 -58.80 62.21 140.66
CA TYR A 676 -57.43 58.90 139.44
CA GLN A 677 -55.85 55.83 140.95
CA MET A 678 -54.70 52.86 139.00
CA CYS A 679 -54.57 49.34 140.31
CA GLN A 680 -51.06 48.23 139.64
CA ASP A 681 -48.24 45.78 140.21
CA ALA A 682 -48.11 43.96 143.52
CA GLU A 683 -44.46 44.41 144.24
CA ASN A 684 -44.73 48.13 144.17
CA GLY A 685 -47.81 47.84 146.27
CA ILE A 686 -51.56 48.06 145.88
CA TRP A 687 -53.85 50.70 144.34
CA PHE A 688 -52.07 53.86 143.35
CA LYS A 689 -53.77 56.10 145.79
CA LYS A 690 -56.28 56.12 148.58
CA ILE A 691 -59.84 56.62 147.42
CA PRO A 692 -61.42 59.99 147.56
CA LEU A 693 -64.70 60.87 149.19
CA CYS A 694 -67.37 62.90 147.49
CA LYS A 695 -69.08 65.87 149.47
CA VAL A 696 -71.97 64.74 151.88
CA ILE A 697 -74.57 66.79 153.80
CA HIS A 698 -77.71 65.82 156.29
CA CYS A 699 -79.49 67.20 159.42
CA HIS A 700 -79.85 66.12 163.00
CA PRO A 701 -82.81 66.91 165.10
CA PRO A 702 -83.47 70.44 166.08
CA PRO A 703 -82.38 71.80 169.38
CA VAL A 704 -85.03 71.91 172.05
CA ILE A 705 -85.61 75.08 173.96
CA VAL A 706 -86.97 75.41 177.44
CA ASN A 707 -90.45 76.83 177.80
CA GLY A 708 -90.96 76.33 174.12
CA LYS A 709 -91.98 73.64 171.69
CA HIS A 710 -91.24 72.79 168.12
CA THR A 711 -94.32 72.80 166.03
CA GLY A 712 -95.12 70.20 163.44
CA MET A 713 -91.85 68.51 164.09
CA MET A 714 -91.34 65.81 161.58
CA ALA A 715 -90.11 62.64 163.08
CA GLU A 716 -86.91 61.17 161.87
CA ASN A 717 -84.24 63.21 160.26
CA PHE A 718 -85.22 66.49 158.74
CA LEU A 719 -84.44 66.59 155.07
CA TYR A 720 -82.12 69.17 153.62
CA GLY A 721 -83.75 72.54 153.33
CA ASN A 722 -86.40 71.58 155.81
CA GLU A 723 -87.51 74.35 158.08
CA VAL A 724 -88.53 74.03 161.70
CA SER A 725 -90.53 76.60 163.60
CA TYR A 726 -90.40 77.19 167.32
CA GLU A 727 -93.26 78.42 169.47
CA CYS A 728 -93.36 79.33 173.09
CA ASP A 729 -95.56 78.45 175.98
CA GLN A 730 -98.20 80.73 177.32
CA GLY A 731 -96.67 83.61 179.20
CA PHE A 732 -93.38 83.38 177.38
CA TYR A 733 -92.02 85.64 174.70
CA LEU A 734 -89.86 84.53 171.83
CA LEU A 735 -86.56 86.23 171.24
CA GLY A 736 -84.44 85.56 168.21
CA GLU A 737 -85.19 83.80 164.94
CA LYS A 738 -88.41 81.87 165.18
CA LYS A 739 -87.37 79.42 162.50
CA LEU A 740 -84.24 77.51 161.54
CA GLN A 741 -83.44 75.75 158.31
CA CYS A 742 -81.17 72.85 157.47
CA ARG A 743 -78.29 73.72 155.24
CA SER A 744 -74.95 72.32 154.23
CA ASP A 745 -71.38 73.43 154.71
CA SER A 746 -68.79 71.10 153.35
CA LYS A 747 -70.86 68.00 152.86
CA GLY A 748 -72.89 65.54 154.85
CA HIS A 749 -72.67 67.56 158.01
CA GLY A 750 -76.26 68.72 157.77
CA SER A 751 -75.85 71.65 160.13
CA TRP A 752 -78.66 73.97 161.14
CA SER A 753 -78.60 77.64 160.20
CA GLY A 754 -78.27 79.02 163.69
CA PRO A 755 -79.17 78.62 167.26
CA SER A 756 -82.74 78.26 168.32
CA PRO A 757 -84.64 81.07 169.83
CA GLN A 758 -85.06 81.48 173.55
CA CYS A 759 -88.20 82.27 175.38
CA LEU A 760 -87.41 84.69 178.24
CA ARG A 761 -88.67 86.14 181.48
CA SER A 762 -89.06 89.51 183.40
CA PRO A 763 -89.84 89.69 187.14
CA PRO A 764 -88.03 92.83 188.57
CA VAL A 765 -86.10 93.92 191.82
CA THR A 766 -86.40 96.40 194.61
CA ARG A 767 -84.07 96.50 197.79
CA CYS A 768 -83.72 98.33 201.29
CA PRO A 769 -85.12 98.13 204.71
CA ASN A 770 -87.32 100.66 206.43
CA PRO A 771 -85.43 103.84 206.90
CA GLU A 772 -85.67 105.23 210.36
CA VAL A 773 -85.38 108.81 211.44
CA LYS A 774 -86.05 109.34 215.11
CA HIS A 775 -88.03 112.53 215.29
CA GLY A 776 -89.23 112.41 211.75
CA TYR A 777 -91.71 110.59 209.61
CA LYS A 778 -91.53 109.51 206.01
CA LEU A 779 -94.25 110.88 203.84
CA ASN A 780 -93.69 109.31 200.45
CA LYS A 781 -94.65 106.02 198.97
CA THR A 782 -94.08 103.76 201.90
CA HIS A 783 -93.56 100.12 201.24
CA SER A 784 -92.45 97.20 203.33
CA ALA A 785 -89.64 96.35 201.00
CA TYR A 786 -88.06 99.14 199.03
CA SER A 787 -86.52 98.18 195.75
CA HIS A 788 -83.38 99.57 194.23
CA ASN A 789 -83.74 103.18 193.17
CA ASP A 790 -86.70 103.71 195.39
CA ILE A 791 -86.71 107.09 197.07
CA VAL A 792 -88.09 108.08 200.45
CA TYR A 793 -88.74 111.62 201.71
CA VAL A 794 -88.79 112.56 205.37
CA ASP A 795 -90.43 115.33 207.26
CA CYS A 796 -89.62 116.19 210.84
CA ASN A 797 -92.40 116.45 213.34
CA PRO A 798 -93.27 119.86 214.50
CA GLY A 799 -90.66 121.45 216.69
CA PHE A 800 -87.86 119.64 214.93
CA ILE A 801 -85.61 120.63 212.05
CA MET A 802 -83.87 118.30 209.66
CA ASN A 803 -80.13 118.12 209.40
CA GLY A 804 -79.18 116.36 206.22
CA SER A 805 -80.98 115.65 203.00
CA ARG A 806 -84.72 115.14 203.14
CA VAL A 807 -84.63 112.50 200.43
CA ILE A 808 -82.91 109.13 200.50
CA ARG A 809 -82.44 106.65 197.70
CA CYS A 810 -81.83 102.94 197.94
CA HIS A 811 -78.56 101.91 196.41
CA THR A 812 -77.33 98.70 194.85
CA ASP A 813 -75.40 97.95 198.01
CA ASN A 814 -78.80 98.09 199.64
CA THR A 815 -77.76 100.89 201.90
CA TRP A 816 -79.44 104.24 201.99
CA VAL A 817 -77.62 107.12 200.41
CA PRO A 818 -77.25 109.58 201.45
CA GLY A 819 -77.42 108.17 204.96
CA VAL A 820 -80.56 108.92 206.91
CA PRO A 821 -81.08 112.43 208.09
CA THR A 822 -81.56 113.41 211.71
CA CYS A 823 -84.32 115.59 213.06
CA ILE A 824 -86.08 116.30 216.27
CA LYS A 825 -87.53 115.12 219.70
CA LYS A 826 -86.93 117.63 222.84
CA ALA A 827 -88.48 116.37 226.33
CA PHE A 828 -90.06 117.14 229.75
CA ILE A 829 -88.80 118.30 233.33
CA GLY A 830 -90.98 119.14 236.56
CA CYS A 831 -91.10 119.21 240.21
CA PRO A 832 -90.65 117.00 243.13
CA PRO A 833 -93.57 116.35 245.36
CA PRO A 834 -94.55 119.40 247.28
CA PRO A 835 -93.49 119.79 250.84
CA LYS A 836 -95.84 118.37 253.43
CA THR A 837 -96.95 120.59 256.23
CA PRO A 838 -97.93 119.66 259.68
CA ASN A 839 -101.57 120.07 260.60
CA GLY A 840 -102.26 120.81 256.97
CA ASN A 841 -103.10 118.96 253.82
CA HIS A 842 -102.44 119.22 250.13
CA THR A 843 -105.63 120.00 248.35
CA GLY A 844 -106.54 119.98 244.75
CA GLY A 845 -105.59 117.86 241.85
CA ASN A 846 -103.32 115.17 243.08
CA ILE A 847 -100.64 114.16 240.76
CA ALA A 848 -97.86 111.78 241.58
CA ARG A 849 -95.54 114.30 240.11
CA PHE A 850 -96.49 117.78 239.16
CA SER A 851 -95.60 118.96 235.72
CA PRO A 852 -94.09 122.31 235.32
CA GLY A 853 -96.33 125.32 235.65
CA MET A 854 -98.58 123.31 237.90
CA SER A 855 -99.91 124.87 241.03
CA ILE A 856 -100.62 123.18 244.31
CA LEU A 857 -102.73 124.57 247.10
CA TYR A 858 -102.36 124.00 250.80
CA SER A 859 -105.17 123.85 253.31
CA CYS A 860 -105.22 123.71 257.03
CA ASP A 861 -107.13 121.49 259.39
CA GLN A 862 -109.94 122.95 261.37
CA GLY A 863 -108.60 124.86 264.31
CA TYR A 864 -105.44 126.06 262.65
CA LEU A 865 -104.79 128.98 260.32
CA LEU A 866 -102.48 129.35 257.35
CA VAL A 867 -99.59 131.71 257.32
CA GLY A 868 -97.77 132.47 254.12
CA GLU A 869 -98.83 131.98 250.54
CA ALA A 870 -101.37 129.24 250.14
CA LEU A 871 -100.28 128.30 246.66
CA LEU A 872 -96.95 127.17 245.28
CA LEU A 873 -96.08 126.96 241.62
CA CYS A 874 -93.80 124.55 239.86
CA THR A 875 -91.41 126.34 237.63
CA HIS A 876 -89.69 125.68 234.36
CA GLU A 877 -86.77 125.47 236.70
CA GLY A 878 -88.42 122.53 238.33
CA THR A 879 -88.15 124.15 241.70
CA TRP A 880 -91.11 125.16 243.76
CA SER A 881 -91.48 128.90 243.84
CA GLN A 882 -91.45 129.23 247.58
CA PRO A 883 -91.59 127.38 250.78
CA ALA A 884 -94.83 125.87 251.94
CA PRO A 885 -97.06 127.74 254.24
CA HIS A 886 -97.30 126.78 257.87
CA CYS A 887 -100.43 126.31 259.78
CA LYS A 888 -99.50 128.14 262.49
CA GLU A 889 -100.64 131.44 264.25
CA VAL A 890 -99.61 134.36 266.67
CA ASN A 891 -100.60 136.08 270.05
CA CYS A 892 -101.17 139.96 270.34
CA SER A 893 -102.29 142.65 272.72
CA SER A 894 -105.98 143.16 273.23
CA PRO A 895 -107.44 145.05 270.37
CA ALA A 896 -108.57 148.47 271.31
CA ASP A 897 -112.24 148.95 270.73
CA MET A 898 -112.94 152.14 268.96
CA ASP A 899 -115.11 154.80 270.33
CA GLY A 900 -118.37 154.93 268.54
CA ILE A 901 -118.49 151.21 268.45
CA GLN A 902 -117.30 147.90 269.88
CA LYS A 903 -115.07 145.05 268.86
CA GLY A 904 -115.69 141.31 269.00
CA LEU A 905 -112.92 139.45 270.80
CA GLU A 906 -113.50 135.78 270.32
CA PRO A 907 -112.12 136.00 273.74
CA ARG A 908 -108.86 134.35 274.59
CA LYS A 909 -106.63 135.03 277.53
CA MET A 910 -103.80 135.67 275.16
CA TYR A 911 -104.31 136.19 271.50
CA GLN A 912 -101.90 134.19 269.46
CA TYR A 913 -100.98 134.27 265.84
CA GLY A 914 -104.00 133.73 263.68
CA ALA A 915 -106.48 135.16 266.12
CA VAL A 916 -109.00 137.46 264.51
CA VAL A 917 -111.39 140.01 265.94
CA THR A 918 -114.04 142.03 264.17
CA LEU A 919 -115.38 145.54 264.67
CA GLU A 920 -118.60 147.29 263.83
CA CYS A 921 -119.47 150.92 264.12
CA GLU A 922 -122.42 152.70 265.65
CA ASP A 923 -124.88 154.22 263.25
CA GLY A 924 -123.63 157.55 262.03
CA TYR A 925 -120.10 156.27 262.09
CA MET A 926 -118.18 154.34 259.52
CA LEU A 927 -115.09 152.28 259.98
CA GLU A 928 -111.99 153.84 258.61
CA GLY A 929 -109.96 150.73 258.15
CA SER A 930 -110.60 147.02 257.85
CA PRO A 931 -113.53 145.43 259.49
CA GLN A 932 -111.55 142.68 261.10
CA SER A 933 -108.00 142.16 262.10
CA GLN A 934 -105.74 139.18 262.46
CA CYS A 935 -102.72 138.73 264.62
CA GLN A 936 -99.50 138.92 262.76
CA SER A 937 -96.38 136.88 263.28
CA ASP A 938 -94.68 140.11 264.11
CA HIS A 939 -96.86 140.57 267.15
CA GLN A 940 -98.77 143.27 265.35
CA TRP A 941 -102.34 143.40 264.27
CA ASN A 942 -102.72 143.31 260.52
CA PRO A 943 -104.14 145.31 259.26
CA PRO A 944 -103.66 147.83 261.99
CA LEU A 945 -106.67 148.49 264.16
CA ALA A 946 -109.25 150.79 262.60
CA VAL A 947 -111.21 153.58 264.18
CA CYS A 948 -114.79 154.60 263.65
CA ARG A 949 -115.28 158.09 262.42
CA SER A 950 -118.33 160.24 262.17
CA ARG A 951 -119.81 161.13 258.82
CA ILE A 1 -19.96 16.46 56.29
CA SER A 2 -20.49 13.25 54.34
CA CYS A 3 -19.70 9.18 54.00
CA GLY A 4 -20.13 7.36 50.74
CA SER A 5 -22.83 4.83 49.95
CA PRO A 6 -23.23 2.30 52.80
CA PRO A 7 -21.94 -1.22 52.24
CA PRO A 8 -24.65 -3.49 50.74
CA ILE A 9 -26.03 -6.51 52.53
CA LEU A 10 -27.00 -9.67 50.72
CA ASN A 11 -30.43 -11.00 51.70
CA GLY A 12 -30.98 -8.04 53.97
CA ARG A 13 -32.27 -4.48 54.03
CA ILE A 14 -30.84 -1.13 54.94
CA SER A 15 -32.99 1.60 56.46
CA TYR A 16 -33.96 4.61 54.31
CA TYR A 17 -31.35 7.41 54.30
CA SER A 18 -31.10 10.90 52.78
CA THR A 19 -28.32 12.20 50.54
CA PRO A 20 -25.67 13.40 51.05
CA ILE A 21 -24.73 11.12 53.96
CA ALA A 22 -23.69 13.52 56.76
CA VAL A 23 -21.36 12.76 59.67
CA GLY A 24 -23.60 11.41 62.43
CA THR A 25 -26.00 9.63 60.09
CA VAL A 26 -27.11 6.23 61.53
CA ILE A 27 -27.99 3.37 59.14
CA ARG A 28 -29.74 0.17 60.29
CA TYR A 29 -29.35 -3.27 58.70
CA SER A 30 -31.77 -6.18 59.09
CA CYS A 31 -32.41 -9.66 57.65
CA SER A 32 -35.50 -11.54 56.37
CA GLY A 33 -37.23 -13.97 58.67
CA THR A 34 -35.34 -17.07 57.66
CA PHE A 35 -31.99 -15.34 57.94
CA ARG A 36 -29.95 -14.24 60.90
CA LEU A 37 -28.01 -10.99 61.26
CA ILE A 38 -24.35 -11.48 62.20
CA GLY A 39 -22.64 -8.34 63.57
CA GLU A 40 -23.77 -4.94 64.86
CA LYS A 41 -26.93 -3.76 63.06
CA SER A 42 -26.28 0.01 63.08
CA LEU A 43 -23.48 1.80 61.33
CA LEU A 44 -22.58 5.40 62.13
CA CYS A 45 -21.08 7.86 59.65
CA ILE A 46 -18.07 9.30 61.47
CA THR A 47 -14.89 11.24 60.68
CA LYS A 48 -11.61 10.22 62.29
CA ASP A 49 -9.34 12.81 60.61
CA LYS A 50 -11.81 15.69 60.37
CA VAL A 51 -11.48 15.63 56.59
CA ASP A 52 -13.00 12.42 55.24
CA GLY A 53 -16.04 10.47 56.46
CA THR A 54 -16.14 6.68 57.03
CA TRP A 55 -18.77 4.31 58.41
CA ASP A 56 -17.62 3.36 61.93
CA LYS A 57 -17.72 -0.39 61.29
CA PRO A 58 -18.08 -3.00 58.57
CA ALA A 59 -21.57 -3.88 57.46
CA PRO A 60 -23.07 -6.93 59.24
CA LYS A 61 -24.20 -9.97 57.16
CA CYS A 62 -27.32 -12.11 56.81
CA GLU A 63 -28.12 -13.27 53.40
CA TYR A 64 -29.51 -11.30 50.24
CA PHE A 65 -29.57 -12.82 46.48
CA ASN A 66 -30.17 -11.10 43.09
CA LYS A 67 -28.21 -11.96 39.82
CA TYR A 68 -27.32 -10.36 36.42
CA SER A 69 -25.70 -11.09 32.77
CA SER A 70 -24.71 -8.31 30.15
CA CYS A 71 -24.29 -8.64 26.16
CA PRO A 72 -21.90 -9.20 23.26
CA GLU A 73 -20.89 -6.29 21.08
CA PRO A 74 -23.90 -5.46 18.91
CA ILE A 75 -22.87 -5.20 15.28
CA VAL A 76 -24.83 -3.72 12.41
CA PRO A 77 -23.29 -4.09 8.94
CA GLY A 78 -23.50 -0.86 7.05
CA GLY A 79 -23.80 1.05 10.32
CA TYR A 80 -22.01 2.13 13.52
CA LYS A 81 -22.65 3.11 17.14
CA ILE A 82 -23.32 6.74 18.00
CA ARG A 83 -24.07 6.04 21.63
CA GLY A 84 -23.05 3.45 24.23
CA SER A 85 -19.85 1.32 24.22
CA THR A 86 -18.30 -1.70 25.92
CA PRO A 87 -18.75 -3.19 28.49
CA TYR A 88 -22.43 -3.96 27.83
CA ARG A 89 -24.23 -4.59 31.12
CA HIS A 90 -27.83 -5.11 32.20
CA GLY A 91 -29.94 -2.09 31.29
CA ASP A 92 -27.22 -0.49 29.11
CA SER A 93 -28.36 0.93 25.82
CA VAL A 94 -26.79 1.35 22.41
CA THR A 95 -27.87 3.65 19.59
CA PHE A 96 -26.87 3.04 15.94
CA ALA A 97 -26.67 5.22 12.78
CA CYS A 98 -26.18 4.06 9.19
CA LYS A 99 -23.07 4.96 7.18
CA THR A 100 -23.37 7.29 4.15
CA ASN A 101 -25.42 5.76 1.30
CA PHE A 102 -27.15 3.49 3.81
CA SER A 103 -30.64 3.82 5.26
CA MET A 104 -31.88 2.29 8.49
CA ASN A 105 -34.58 -0.32 9.01
CA GLY A 106 -35.94 -1.04 12.45
CA ASN A 107 -35.36 0.64 15.79
CA LYS A 108 -32.08 2.50 16.17
CA SER A 109 -31.64 1.77 19.92
CA VAL A 110 -31.31 -1.50 21.78
CA TRP A 111 -30.96 -2.50 25.44
CA CYS A 112 -28.85 -5.20 27.03
CA GLN A 113 -31.38 -7.60 28.62
CA ALA A 114 -30.98 -9.91 31.63
CA ASN A 115 -30.88 -12.93 29.29
CA ASN A 116 -27.69 -11.42 27.74
CA MET A 117 -29.37 -10.50 24.51
CA TRP A 118 -30.09 -7.17 22.91
CA GLY A 119 -33.18 -4.97 23.15
CA PRO A 120 -36.88 -5.73 22.97
CA THR A 121 -36.59 -5.44 19.17
CA ARG A 122 -34.07 -6.97 16.79
CA LEU A 123 -30.93 -4.98 15.85
CA PRO A 124 -31.62 -2.41 13.15
CA THR A 125 -30.33 -2.98 9.62
CA CYS A 126 -28.64 -0.63 7.18
CA VAL A 127 -29.99 -2.10 3.81
CA SER A 128 -31.28 -1.30 -0.05
CA VAL A 129 -29.96 -0.76 -3.76
CA PHE A 130 -31.87 -0.79 -7.11
CA PRO A 131 -30.62 -1.08 -10.85
CA LEU A 132 -31.24 0.59 -14.45
CA GLU A 133 -29.58 -0.56 -17.77
CA CYS A 134 -28.86 -0.36 -21.66
CA PRO A 135 -27.38 2.14 -24.01
CA ALA A 136 -29.69 3.73 -26.53
CA LEU A 137 -30.24 1.61 -29.60
CA PRO A 138 -28.20 2.26 -32.63
CA MET A 139 -29.59 4.49 -35.33
CA ILE A 140 -30.42 2.91 -38.61
CA HIS A 141 -30.43 4.96 -41.72
CA ASN A 142 -33.88 5.24 -43.21
CA GLY A 143 -35.69 3.63 -40.28
CA HIS A 144 -36.42 3.81 -36.50
CA HIS A 145 -39.11 2.81 -33.99
CA THR A 146 -39.32 3.73 -30.37
CA SER A 147 -40.10 1.81 -27.27
CA GLU A 148 -41.86 3.68 -24.60
CA ASN A 149 -38.78 5.51 -23.58
CA VAL A 150 -35.80 5.66 -25.81
CA GLY A 151 -32.42 6.97 -24.90
CA SER A 152 -32.54 4.54 -22.05
CA ILE A 153 -33.92 1.07 -21.95
CA ALA A 154 -34.35 -1.24 -19.05
CA PRO A 155 -32.79 -4.59 -19.38
CA GLY A 156 -34.73 -7.14 -21.35
CA LEU A 157 -36.08 -4.19 -23.23
CA SER A 158 -36.71 -4.92 -26.84
CA VAL A 159 -36.44 -2.48 -29.66
CA THR A 160 -38.03 -3.05 -33.02
CA TYR A 161 -36.81 -1.56 -36.26
CA SER A 162 -38.82 -0.50 -39.28
CA CYS A 163 -37.92 0.89 -42.68
CA GLU A 164 -39.27 3.77 -44.73
CA SER A 165 -41.48 3.17 -47.71
CA GLY A 166 -39.34 1.90 -50.53
CA TYR A 167 -36.90 0.22 -48.21
CA LEU A 168 -36.51 -3.41 -47.23
CA LEU A 169 -35.19 -4.64 -43.95
CA VAL A 170 -32.52 -7.29 -43.92
CA GLY A 171 -31.35 -8.92 -40.73
CA GLU A 172 -33.12 -9.37 -37.44
CA LYS A 173 -35.87 -6.84 -37.00
CA ILE A 174 -35.64 -6.72 -33.24
CA ILE A 175 -32.79 -6.64 -30.78
CA ASN A 176 -32.96 -7.13 -27.05
CA CYS A 177 -30.51 -6.09 -24.45
CA LEU A 178 -29.14 -8.11 -21.61
CA SER A 179 -29.81 -7.42 -17.97
CA SER A 180 -26.66 -5.46 -18.21
CA GLY A 181 -24.45 -5.19 -21.18
CA LYS A 182 -24.88 -4.55 -24.83
CA TRP A 183 -27.51 -5.26 -27.39
CA SER A 184 -27.86 -8.79 -28.68
CA ALA A 185 -26.59 -7.96 -32.11
CA VAL A 186 -26.18 -5.36 -34.82
CA PRO A 187 -29.13 -3.53 -36.10
CA PRO A 188 -30.86 -4.40 -39.30
CA THR A 189 -30.20 -2.45 -42.44
CA CYS A 190 -32.73 -0.99 -44.81
CA GLU A 191 -31.01 -2.18 -48.18
CA GLU A 192 -30.34 -0.66 -51.90
CA ALA A 193 -28.40 -2.17 -54.99
CA ARG A 194 -27.90 -0.14 -58.29
CA CYS A 195 -26.18 -0.62 -61.73
CA LYS A 196 -26.75 -1.89 -65.23
CA SER A 197 -25.06 -5.18 -65.91
CA LEU A 198 -21.61 -4.72 -67.32
CA GLY A 199 -21.04 -6.55 -70.52
CA ARG A 200 -17.96 -8.69 -70.72
CA PHE A 201 -14.93 -7.38 -72.49
CA PRO A 202 -13.16 -9.28 -75.15
CA ASN A 203 -10.03 -11.11 -74.10
CA GLY A 204 -10.79 -10.37 -70.53
CA LYS A 205 -13.23 -10.98 -67.76
CA VAL A 206 -15.11 -9.01 -65.20
CA LYS A 207 -14.92 -10.34 -61.70
CA GLU A 208 -18.06 -9.67 -59.83
CA PRO A 209 -18.59 -9.73 -56.18
CA PRO A 210 -21.57 -11.72 -55.19
CA ILE A 211 -23.61 -8.68 -55.99
CA LEU A 212 -23.24 -5.57 -58.04
CA ARG A 213 -25.43 -2.94 -56.52
CA VAL A 214 -24.67 0.53 -55.38
CA GLY A 215 -21.45 0.46 -53.44
CA VAL A 216 -20.04 -2.68 -54.98
CA THR A 217 -17.02 -2.72 -57.21
CA ALA A 218 -16.26 -4.97 -60.10
CA ASN A 219 -12.72 -5.81 -61.05
CA PHE A 220 -11.51 -6.06 -64.60
CA PHE A 221 -8.76 -8.43 -65.54
CA CYS A 222 -7.36 -9.65 -68.80
CA ASP A 223 -6.11 -12.96 -69.98
CA GLU A 224 -2.38 -13.21 -69.61
CA GLY A 225 -0.64 -11.36 -72.39
CA TYR A 226 -3.26 -8.66 -72.72
CA ARG A 227 -3.29 -5.40 -70.78
CA LEU A 228 -6.30 -3.46 -69.68
CA GLN A 229 -6.80 -0.18 -71.41
CA GLY A 230 -8.84 1.73 -68.94
CA PRO A 231 -9.47 1.53 -65.30
CA PRO A 232 -8.77 -1.54 -63.28
CA SER A 233 -12.02 -1.47 -61.36
CA SER A 234 -15.35 0.25 -61.52
CA ARG A 235 -17.62 1.11 -58.65
CA CYS A 236 -21.37 1.31 -58.77
CA VAL A 237 -22.08 4.75 -57.48
CA ILE A 238 -25.12 6.90 -57.05
CA ALA A 239 -24.86 10.37 -58.49
CA GLY A 240 -27.53 13.00 -58.39
CA GLN A 241 -30.45 11.02 -59.73
CA GLY A 242 -28.44 8.34 -61.39
CA VAL A 243 -26.59 5.17 -60.73
CA ALA A 244 -23.60 4.63 -62.92
CA TRP A 245 -20.28 2.86 -63.20
CA THR A 246 -17.05 3.75 -64.99
CA LYS A 247 -16.48 3.09 -68.64
CA MET A 248 -15.51 -0.50 -69.16
CA PRO A 249 -12.01 -1.09 -70.14
CA VAL A 250 -10.85 -2.73 -73.33
CA CYS A 251 -8.11 -5.24 -73.37
CA GLU A 252 -8.08 -8.33 -75.42
CA GLU A 253 -10.07 -11.49 -75.74
CA ILE A 254 -10.29 -15.38 -75.15
CA PHE A 255 -11.93 -17.45 -78.03
CA CYS A 256 -12.84 -21.07 -79.31
CA PRO A 257 -10.04 -23.49 -79.07
CA SER A 258 -8.26 -25.11 -81.96
CA PRO A 259 -10.44 -27.20 -84.11
CA PRO A 260 -10.51 -30.92 -83.85
CA PRO A 261 -7.90 -32.64 -85.90
CA ILE A 262 -8.92 -35.17 -88.47
CA LEU A 263 -6.94 -38.14 -89.62
CA ASN A 264 -6.05 -38.02 -93.29
CA GLY A 265 -7.62 -34.59 -93.53
CA ARG A 266 -6.52 -31.02 -93.15
CA HIS A 267 -8.02 -27.75 -92.09
CA ILE A 268 -7.70 -25.06 -94.62
CA GLY A 269 -7.27 -21.40 -93.99
CA ASN A 270 -8.05 -21.59 -90.36
CA SER A 271 -5.88 -19.46 -88.22
CA LEU A 272 -3.79 -21.59 -85.96
CA ALA A 273 -4.27 -18.92 -83.42
CA ASN A 274 -7.53 -19.18 -81.59
CA VAL A 275 -10.44 -18.13 -83.69
CA SER A 276 -13.12 -15.77 -82.54
CA TYR A 277 -16.78 -16.57 -82.19
CA GLY A 278 -18.55 -17.02 -85.48
CA SER A 279 -15.43 -18.17 -87.19
CA ILE A 280 -16.03 -20.87 -89.74
CA VAL A 281 -13.55 -23.61 -90.46
CA THR A 282 -13.54 -25.98 -93.39
CA TYR A 283 -12.12 -29.46 -93.44
CA THR A 284 -10.64 -31.30 -96.39
CA CYS A 285 -9.41 -34.83 -97.01
CA ASP A 286 -6.20 -36.05 -98.59
CA PRO A 287 -6.48 -36.06 -102.31
CA ASP A 288 -3.15 -37.79 -102.40
CA PRO A 289 -0.99 -35.49 -104.41
CA GLU A 290 -3.66 -34.40 -106.86
CA GLU A 291 -7.29 -35.06 -106.02
CA GLY A 292 -8.28 -38.64 -106.51
CA VAL A 293 -10.30 -41.43 -105.09
CA ASN A 294 -8.72 -41.68 -101.70
CA PHE A 295 -10.22 -40.73 -98.39
CA ILE A 296 -13.50 -38.89 -98.74
CA LEU A 297 -15.08 -36.48 -96.30
CA ILE A 298 -18.11 -37.74 -94.47
CA GLY A 299 -20.24 -35.50 -92.32
CA GLU A 300 -20.50 -31.75 -92.20
CA SER A 301 -17.44 -30.36 -93.86
CA THR A 302 -17.65 -27.12 -91.94
CA LEU A 303 -17.83 -26.19 -88.27
CA ARG A 304 -18.64 -22.89 -86.61
CA CYS A 305 -17.59 -21.43 -83.29
CA THR A 306 -20.45 -20.94 -80.91
CA VAL A 307 -20.77 -19.74 -77.34
CA ASP A 308 -22.89 -21.43 -74.69
CA SER A 309 -23.42 -18.29 -72.68
CA GLN A 310 -20.74 -15.82 -73.59
CA LYS A 311 -18.58 -18.40 -71.95
CA THR A 312 -15.78 -20.25 -73.52
CA GLY A 313 -16.51 -20.86 -77.11
CA THR A 314 -17.35 -24.31 -78.30
CA TRP A 315 -17.49 -25.75 -81.78
CA SER A 316 -20.93 -26.54 -83.17
CA GLY A 317 -20.34 -30.20 -83.78
CA PRO A 318 -17.89 -32.93 -84.30
CA ALA A 319 -15.40 -32.82 -87.09
CA PRO A 320 -15.90 -34.82 -90.21
CA ARG A 321 -14.12 -38.07 -90.92
CA CYS A 322 -12.15 -39.06 -93.98
CA GLU A 323 -9.98 -41.95 -95.49
CA LEU A 324 -6.54 -41.33 -97.10
CA SER A 325 -2.72 -41.80 -97.06
CA THR A 326 0.37 -42.30 -99.44
CA SER A 327 3.94 -43.92 -99.27
CA ALA A 328 7.58 -42.82 -100.62
CA VAL A 329 10.26 -44.28 -102.78
CA GLN A 330 13.87 -43.34 -102.05
CA CYS A 331 16.26 -42.97 -105.21
CA PRO A 332 16.23 -42.63 -108.92
CA HIS A 333 18.69 -44.29 -111.25
CA PRO A 334 22.12 -42.90 -110.93
CA GLN A 335 23.23 -40.50 -113.62
CA ILE A 336 26.53 -41.63 -114.96
CA LEU A 337 28.03 -41.69 -118.40
CA ARG A 338 30.08 -44.60 -119.58
CA GLY A 339 30.66 -45.87 -116.07
CA ARG A 340 28.26 -48.67 -115.33
CA MET A 341 27.07 -49.42 -111.84
CA VAL A 342 27.72 -52.98 -110.85
CA SER A 343 25.96 -53.65 -107.58
CA GLY A 344 22.34 -54.28 -106.98
CA GLN A 345 20.76 -52.40 -109.83
CA LYS A 346 17.10 -51.74 -109.48
CA ASP A 347 14.52 -49.52 -111.11
CA ARG A 348 13.35 -48.07 -107.83
CA TYR A 349 15.95 -47.60 -105.15
CA THR A 350 15.29 -46.90 -101.55
CA TYR A 351 17.08 -45.26 -98.71
CA ASN A 352 20.60 -46.44 -98.01
CA ASP A 353 21.06 -48.38 -101.14
CA THR A 354 24.57 -47.86 -102.33
CA VAL A 355 25.83 -48.27 -105.84
CA ILE A 356 29.40 -48.51 -107.00
CA PHE A 357 30.41 -47.52 -110.49
CA ALA A 358 33.10 -48.98 -112.61
CA CYS A 359 34.24 -47.24 -115.73
CA MET A 360 34.60 -48.92 -119.04
CA PHE A 361 38.04 -49.94 -120.14
CA GLY A 362 40.14 -46.95 -120.98
CA PHE A 363 38.24 -44.63 -118.70
CA THR A 364 39.08 -43.30 -115.27
CA LEU A 365 36.57 -42.30 -112.69
CA LYS A 366 36.69 -38.71 -111.57
CA GLY A 367 34.76 -38.71 -108.36
CA SER A 368 33.75 -41.15 -105.68
CA LYS A 369 33.35 -44.77 -106.70
CA GLN A 370 30.16 -45.44 -104.83
CA ILE A 371 27.06 -43.43 -104.14
CA ARG A 372 24.57 -43.79 -101.32
CA CYS A 373 21.00 -42.66 -101.29
CA ASN A 374 20.23 -40.43 -98.38
CA ALA A 375 17.06 -39.70 -96.49
CA GLN A 376 16.81 -36.51 -98.48
CA GLY A 377 16.48 -38.66 -101.55
CA THR A 378 19.59 -37.25 -103.12
CA TRP A 379 22.74 -39.08 -103.89
CA GLU A 380 25.79 -38.42 -101.84
CA PRO A 381 28.35 -38.04 -102.75
CA SER A 382 27.27 -36.54 -106.06
CA ALA A 383 27.43 -38.86 -109.05
CA PRO A 384 30.80 -39.39 -110.61
CA VAL A 385 31.88 -39.04 -114.22
CA CYS A 386 34.07 -41.39 -116.22
CA GLU A 387 36.79 -40.77 -119.15
CA LYS A 388 37.45 -40.72 -123.00
CA GLU A 389 41.00 -40.17 -124.69
CA CYS A 390 43.66 -41.62 -127.46
CA GLN A 391 43.66 -42.58 -131.08
CA ALA A 392 45.28 -45.75 -132.30
CA PRO A 393 48.98 -45.66 -132.48
CA PRO A 394 50.82 -44.82 -135.59
CA ASN A 395 51.92 -47.60 -137.90
CA ILE A 396 55.56 -48.40 -138.35
CA LEU A 397 57.08 -49.92 -141.43
CA ASN A 398 58.95 -53.11 -140.76
CA GLY A 399 57.83 -52.91 -137.17
CA GLN A 400 55.03 -54.12 -134.95
CA LYS A 401 53.17 -52.78 -131.96
CA GLU A 402 53.77 -54.67 -128.79
CA ASP A 403 50.57 -56.22 -127.51
CA ARG A 404 48.44 -53.21 -128.00
CA HIS A 405 45.76 -53.49 -125.41
CA MET A 406 42.56 -51.64 -125.86
CA VAL A 407 42.04 -50.63 -129.44
CA ARG A 408 41.28 -47.25 -128.06
CA PHE A 409 44.02 -46.46 -125.61
CA ASP A 410 43.03 -44.44 -122.61
CA PRO A 411 45.06 -41.53 -121.55
CA GLY A 412 48.38 -42.20 -119.91
CA THR A 413 48.51 -45.45 -121.80
CA SER A 414 51.85 -46.53 -123.12
CA ILE A 415 52.48 -48.31 -126.37
CA LYS A 416 55.71 -50.04 -127.29
CA TYR A 417 57.06 -50.49 -130.77
CA SER A 418 59.10 -53.47 -131.91
CA CYS A 419 61.17 -54.16 -135.00
CA ASN A 420 61.16 -57.37 -136.96
CA PRO A 421 64.19 -59.51 -137.03
CA GLY A 422 67.00 -57.93 -138.95
CA TYR A 423 65.98 -54.44 -138.00
CA VAL A 424 67.00 -52.11 -135.22
CA LEU A 425 64.94 -49.36 -133.77
CA VAL A 426 65.88 -45.73 -133.84
CA GLY A 427 64.16 -43.21 -131.65
CA GLU A 428 61.90 -43.51 -128.62
CA GLU A 429 60.73 -47.07 -128.29
CA SER A 430 57.65 -46.15 -126.37
CA ILE A 431 55.01 -43.51 -126.90
CA GLN A 432 52.44 -42.35 -124.44
CA CYS A 433 49.36 -40.39 -125.19
CA THR A 434 48.85 -37.63 -122.71
CA SER A 435 47.32 -34.24 -122.19
CA GLU A 436 44.23 -36.25 -123.02
CA GLY A 437 45.24 -35.79 -126.59
CA VAL A 438 47.21 -37.56 -129.24
CA TRP A 439 50.42 -39.53 -128.86
CA THR A 440 53.19 -37.22 -127.86
CA PRO A 441 56.17 -38.47 -129.81
CA PRO A 442 56.55 -39.55 -133.35
CA VAL A 443 56.81 -43.28 -133.87
CA PRO A 444 60.24 -44.78 -134.04
CA GLN A 445 61.75 -46.12 -137.24
CA CYS A 446 63.11 -49.57 -137.78
CA LYS A 447 65.53 -51.25 -140.44
CA VAL A 448 65.16 -53.14 -143.76
CA ALA A 449 66.71 -55.65 -145.92
CA ALA A 450 69.24 -57.40 -148.06
CA CYS A 451 69.77 -59.10 -151.36
CA GLU A 452 68.71 -60.28 -154.93
CA ALA A 453 65.65 -62.61 -155.52
CA THR A 454 66.27 -66.47 -155.43
CA GLY A 455 65.18 -69.12 -157.97
CA ARG A 456 62.86 -71.68 -156.22
CA GLN A 457 64.30 -75.28 -156.29
CA LEU A 458 61.73 -77.96 -157.44
CA LEU A 459 60.22 -79.25 -154.09
CA THR A 460 61.73 -76.79 -151.44
CA LYS A 461 60.42 -73.87 -149.18
CA PRO A 462 62.00 -70.29 -149.85
CA GLN A 463 61.69 -67.37 -147.27
CA HIS A 464 62.35 -63.80 -148.66
CA GLN A 465 62.49 -60.71 -146.46
CA PHE A 466 65.52 -59.36 -148.38
CA VAL A 467 68.09 -58.68 -145.44
CA ARG A 468 68.13 -60.68 -142.04
CA PRO A 469 66.44 -64.34 -142.21
CA ASP A 470 68.25 -67.75 -141.90
CA VAL A 471 67.07 -69.68 -145.09
CA ASN A 472 67.37 -73.45 -144.17
CA SER A 473 66.82 -75.45 -147.50
CA SER A 474 64.21 -78.17 -146.60
CA CYS A 475 63.39 -80.58 -149.53
CA GLY A 476 60.00 -82.46 -149.92
CA GLU A 477 60.18 -85.91 -148.19
CA GLY A 478 61.68 -88.39 -150.71
CA TYR A 479 64.09 -85.73 -152.23
CA LYS A 480 67.63 -84.80 -150.84
CA LEU A 481 69.61 -81.41 -150.80
CA SER A 482 72.81 -81.06 -153.04
CA GLY A 483 74.97 -78.11 -151.70
CA SER A 484 74.52 -76.37 -148.27
CA VAL A 485 72.08 -76.59 -145.21
CA TYR A 486 71.66 -72.81 -144.16
CA GLN A 487 72.32 -69.23 -145.53
CA GLU A 488 71.82 -65.70 -143.97
CA CYS A 489 71.68 -62.48 -146.13
CA GLN A 490 73.83 -59.48 -144.90
CA GLY A 491 75.01 -55.84 -145.56
CA THR A 492 78.32 -57.29 -147.01
CA ILE A 493 77.90 -60.09 -149.78
CA PRO A 494 74.09 -60.64 -150.80
CA TRP A 495 73.54 -64.42 -150.01
CA PHE A 496 76.20 -66.33 -147.91
CA MET A 497 76.40 -69.41 -150.36
CA GLU A 498 75.16 -70.86 -153.78
CA ILE A 499 71.54 -72.23 -154.39
CA ARG A 500 71.17 -76.07 -154.17
CA LEU A 501 69.10 -78.80 -156.05
CA CYS A 502 66.48 -81.18 -154.44
CA LYS A 503 67.63 -84.19 -156.71
CA GLU A 504 70.14 -87.17 -157.68
CA ILE A 505 72.79 -88.30 -160.26
CA THR A 506 71.83 -90.86 -162.99
CA CYS A 507 74.36 -93.75 -164.50
CA PRO A 508 77.29 -96.04 -164.62
CA PRO A 509 80.75 -94.69 -164.78
CA PRO A 510 81.58 -92.95 -167.96
CA PRO A 511 83.61 -94.60 -170.60
CA VAL A 512 87.32 -94.11 -170.36
CA ILE A 513 89.12 -92.89 -173.41
CA TYR A 514 92.65 -93.72 -174.46
CA ASN A 515 95.01 -90.79 -174.34
CA GLY A 516 92.24 -88.71 -172.90
CA ALA A 517 91.09 -87.86 -169.42
CA HIS A 518 87.87 -87.20 -167.61
CA THR A 519 87.87 -83.76 -166.18
CA GLY A 520 86.62 -83.31 -162.68
CA SER A 521 85.56 -86.90 -162.47
CA SER A 522 83.06 -86.91 -159.69
CA LEU A 523 81.73 -89.75 -157.65
CA GLU A 524 81.51 -92.91 -159.63
CA ASP A 525 77.85 -92.47 -159.13
CA PHE A 526 76.90 -89.81 -161.61
CA PRO A 527 73.66 -88.17 -160.97
CA TYR A 528 70.90 -87.91 -163.48
CA GLY A 529 71.50 -85.06 -165.87
CA THR A 530 75.10 -84.88 -164.77
CA THR A 531 77.60 -83.96 -167.41
CA VAL A 532 81.04 -85.38 -168.00
CA THR A 533 83.62 -83.61 -170.08
CA TYR A 534 86.51 -85.28 -171.83
CA THR A 535 89.86 -83.88 -172.85
CA CYS A 536 92.91 -85.18 -174.70
CA ASN A 537 96.47 -85.16 -173.46
CA PRO A 538 98.11 -81.96 -174.57
CA GLY A 539 101.02 -83.16 -172.63
CA PRO A 540 101.32 -80.74 -169.84
CA GLU A 541 100.87 -77.32 -171.41
CA ARG A 542 99.26 -78.10 -174.73
CA GLY A 543 100.66 -79.47 -177.89
CA VAL A 544 99.80 -81.24 -181.06
CA GLU A 545 99.43 -84.65 -179.57
CA PHE A 546 96.10 -86.40 -179.86
CA SER A 547 93.06 -84.48 -181.01
CA LEU A 548 89.54 -84.73 -179.74
CA ILE A 549 87.07 -86.09 -182.19
CA GLY A 550 83.35 -86.13 -181.60
CA GLU A 551 81.20 -84.79 -178.79
CA SER A 552 83.44 -83.50 -176.06
CA THR A 553 80.69 -83.88 -173.50
CA ILE A 554 78.29 -86.63 -172.47
CA ARG A 555 75.28 -86.53 -170.17
CA CYS A 556 73.39 -88.98 -168.01
CA THR A 557 69.94 -89.64 -169.35
CA SER A 558 67.23 -92.25 -169.21
CA ASN A 559 66.16 -94.84 -171.76
CA ASP A 560 65.41 -97.92 -169.74
CA GLN A 561 63.63 -97.09 -166.55
CA GLU A 562 66.67 -97.31 -164.35
CA ARG A 563 70.34 -97.90 -164.75
CA GLY A 564 70.55 -94.56 -166.50
CA THR A 565 72.51 -94.67 -169.70
CA TRP A 566 74.74 -92.05 -171.17
CA SER A 567 73.71 -90.01 -174.18
CA GLY A 568 76.29 -91.33 -176.57
CA PRO A 569 79.72 -92.63 -177.15
CA ALA A 570 82.75 -90.87 -175.80
CA PRO A 571 85.03 -88.93 -178.02
CA LEU A 572 88.24 -90.29 -179.49
CA CYS A 573 91.67 -88.76 -179.14
CA LYS A 574 94.89 -90.02 -178.05
CA LEU A 575 95.45 -91.57 -174.45
CA SER A 576 97.87 -92.00 -171.25
CA LEU A 577 98.90 -95.17 -169.07
CA LEU A 578 100.47 -96.26 -165.58
CA ALA A 579 104.33 -97.14 -165.50
CA VAL A 580 107.10 -96.36 -162.82
CA GLN A 581 110.16 -98.66 -161.63
CA CYS A 582 112.65 -98.83 -158.78
CA SER A 583 112.81 -97.57 -155.25
CA HIS A 584 115.39 -98.49 -152.65
CA VAL A 585 115.71 -102.19 -152.13
CA HIS A 586 114.35 -103.36 -148.85
CA ILE A 587 116.76 -105.69 -147.15
CA ALA A 588 117.84 -105.70 -143.55
CA ASN A 589 121.28 -106.83 -142.47
CA GLY A 590 122.55 -106.99 -146.03
CA TYR A 591 123.66 -103.75 -147.64
CA LYS A 592 123.87 -103.49 -151.40
CA ILE A 593 127.23 -102.39 -152.69
CA SER A 594 126.89 -101.49 -156.30
CA GLY A 595 125.42 -98.46 -158.02
CA LYS A 596 123.52 -97.31 -154.94
CA GLU A 597 121.53 -94.48 -156.41
CA ALA A 598 118.11 -93.00 -156.17
CA PRO A 599 116.05 -93.44 -158.13
CA TYR A 600 116.98 -96.68 -159.89
CA PHE A 601 115.96 -97.21 -163.45
CA TYR A 602 114.94 -100.29 -165.33
CA ASN A 603 117.63 -102.91 -165.64
CA ASP A 604 119.63 -101.60 -162.77
CA THR A 605 120.82 -104.48 -160.67
CA VAL A 606 122.33 -104.48 -157.27
CA THR A 607 124.19 -107.12 -155.30
CA PHE A 608 123.70 -107.51 -151.59
CA LYS A 609 126.61 -108.06 -149.28
CA CYS A 610 125.67 -109.26 -145.85
CA TYR A 611 127.02 -108.04 -142.54
CA SER A 612 129.70 -110.27 -141.11
CA GLY A 613 128.09 -113.24 -139.49
CA PHE A 614 125.17 -113.38 -141.87
CA THR A 615 124.26 -115.55 -144.82
CA LEU A 616 121.82 -114.64 -147.56
CA LYS A 617 118.66 -116.58 -147.81
CA GLY A 618 117.61 -115.71 -151.32
CA SER A 619 119.20 -114.41 -154.50
CA SER A 620 122.25 -112.27 -154.00
CA GLN A 621 121.53 -109.76 -156.75
CA ILE A 622 118.32 -107.96 -157.63
CA ARG A 623 117.13 -106.55 -160.95
CA CYS A 624 114.64 -103.80 -161.61
CA LYS A 625 111.89 -104.83 -163.96
CA ALA A 626 109.53 -102.86 -166.15
CA ASP A 627 106.79 -103.51 -163.64
CA ASN A 628 109.01 -101.51 -161.29
CA THR A 629 109.26 -104.40 -158.92
CA TRP A 630 112.43 -106.23 -158.09
CA ASP A 631 113.01 -109.66 -159.52
CA PRO A 632 113.78 -111.82 -157.94
CA GLU A 633 112.16 -110.36 -154.86
CA ILE A 634 114.44 -108.94 -152.20
CA PRO A 635 116.35 -111.41 -150.15
CA VAL A 636 117.07 -111.39 -146.46
CA CYS A 637 120.41 -111.77 -144.75
CA GLU A 638 122.22 -110.27 -142.10
CA LYS A 639 124.63 -107.20 -142.43
CA GLU A 640 127.48 -105.45 -140.38
CA THR A 641 129.26 -104.45 -136.95
CA CYS A 642 132.16 -101.89 -136.17
CA GLN A 643 135.81 -102.67 -136.17
CA HIS A 644 137.19 -103.54 -132.79
CA VAL A 645 137.56 -100.54 -130.56
CA ARG A 646 140.50 -100.81 -128.24
CA GLN A 647 139.45 -101.04 -124.67
CA SER A 648 140.79 -97.84 -123.33
CA LEU A 649 142.74 -98.59 -120.26
CA GLN A 650 140.53 -98.14 -117.24
CA GLU A 651 137.51 -97.70 -119.44
CA LEU A 652 134.67 -99.82 -120.82
CA PRO A 653 134.02 -101.20 -124.31
CA ALA A 654 131.13 -102.72 -126.32
CA GLY A 655 130.44 -102.92 -129.99
CA SER A 656 127.98 -103.79 -132.71
CA ARG A 657 126.60 -102.07 -135.76
CA VAL A 658 123.95 -100.43 -133.69
CA GLU A 659 125.58 -100.02 -130.35
CA LEU A 660 126.26 -96.69 -128.83
CA VAL A 661 129.22 -96.58 -126.63
CA ASN A 662 129.51 -94.16 -123.83
CA THR A 663 132.94 -93.81 -122.51
CA SER A 664 133.14 -93.85 -118.81
CA CYS A 665 136.46 -94.07 -117.10
CA GLN A 666 136.97 -95.79 -113.82
CA ASP A 667 136.72 -93.36 -110.98
CA GLY A 668 139.95 -91.45 -110.66
CA TYR A 669 140.56 -91.32 -114.39
CA GLN A 670 138.97 -88.66 -116.55
CA LEU A 671 138.17 -89.24 -120.16
CA THR A 672 140.02 -87.28 -122.77
CA GLY A 673 138.05 -87.43 -125.94
CA HIS A 674 134.38 -87.65 -126.71
CA ALA A 675 131.83 -88.84 -124.22
CA TYR A 676 129.85 -91.04 -126.57
CA GLN A 677 130.32 -92.59 -129.96
CA MET A 678 127.78 -94.72 -131.70
CA CYS A 679 128.58 -97.45 -134.16
CA GLN A 680 126.51 -96.60 -137.17
CA ASP A 681 125.72 -97.09 -140.84
CA ALA A 682 128.51 -98.16 -143.14
CA GLU A 683 127.85 -95.75 -145.93
CA ASN A 684 128.28 -92.78 -143.71
CA GLY A 685 131.35 -94.39 -142.31
CA ILE A 686 132.43 -96.25 -139.20
CA TRP A 687 132.14 -95.43 -135.48
CA PHE A 688 130.90 -91.96 -134.79
CA LYS A 689 134.02 -90.68 -133.21
CA LYS A 690 137.53 -91.65 -132.32
CA ILE A 691 137.86 -93.26 -128.92
CA PRO A 692 138.93 -91.25 -125.97
CA LEU A 693 141.77 -92.04 -123.62
CA CYS A 694 141.42 -91.97 -119.87
CA LYS A 695 144.24 -90.08 -117.88
CA VAL A 696 143.59 -87.86 -114.62
CA ILE A 697 146.05 -86.29 -111.90
CA HIS A 698 146.04 -86.29 -108.01
CA CYS A 699 147.37 -84.02 -104.94
CA HIS A 700 146.07 -80.49 -104.80
CA PRO A 701 147.85 -77.60 -106.31
CA PRO A 702 151.09 -76.48 -104.86
CA PRO A 703 151.30 -73.69 -102.40
CA VAL A 704 152.25 -70.34 -103.82
CA ILE A 705 155.01 -68.36 -102.24
CA VAL A 706 155.44 -64.64 -102.26
CA ASN A 707 158.24 -63.23 -104.35
CA GLY A 708 158.58 -66.58 -106.02
CA LYS A 709 157.05 -68.56 -108.83
CA HIS A 710 156.48 -72.19 -109.60
CA THR A 711 158.23 -73.22 -112.71
CA GLY A 712 156.71 -75.43 -115.35
CA MET A 713 153.61 -75.79 -113.29
CA MET A 714 151.38 -78.33 -114.87
CA ALA A 715 147.82 -77.26 -114.99
CA GLU A 716 145.23 -79.37 -113.40
CA ASN A 717 145.99 -81.74 -110.61
CA PHE A 718 149.52 -82.91 -110.23
CA LEU A 719 149.77 -86.64 -110.53
CA TYR A 720 151.15 -88.75 -107.74
CA GLY A 721 154.89 -88.54 -107.51
CA ASN A 722 154.93 -85.37 -109.52
CA GLU A 723 157.55 -82.90 -108.47
CA VAL A 724 157.23 -79.13 -108.49
CA SER A 725 160.12 -76.73 -108.37
CA TYR A 726 160.05 -73.23 -106.97
CA GLU A 727 162.15 -70.32 -108.16
CA CYS A 728 162.46 -66.84 -106.82
CA ASP A 729 162.30 -63.41 -108.29
CA GLN A 730 165.34 -61.34 -109.01
CA GLY A 731 166.86 -60.05 -105.82
CA PHE A 732 165.39 -62.78 -103.70
CA TYR A 733 167.10 -65.77 -102.19
CA LEU A 734 165.53 -69.15 -101.71
CA LEU A 735 165.58 -70.74 -98.31
CA GLY A 736 164.44 -74.27 -97.70
CA GLU A 737 163.72 -77.14 -100.06
CA LYS A 738 163.50 -75.93 -103.61
CA LYS A 739 161.27 -78.76 -104.68
CA LEU A 740 158.28 -80.62 -103.27
CA GLN A 741 156.83 -83.93 -104.35
CA CYS A 742 153.36 -85.41 -104.11
CA ARG A 743 153.10 -88.42 -101.89
CA SER A 744 150.45 -90.39 -100.08
CA ASP A 745 149.69 -91.03 -96.46
CA SER A 746 146.65 -93.11 -95.81
CA LYS A 747 144.98 -92.92 -99.18
CA GLY A 748 143.49 -90.39 -101.52
CA HIS A 749 144.70 -87.46 -99.51
CA GLY A 750 147.42 -86.60 -101.98
CA SER A 751 149.45 -84.49 -99.57
CA TRP A 752 152.64 -82.69 -100.48
CA SER A 753 155.95 -83.63 -98.89
CA GLY A 754 156.48 -80.42 -97.01
CA PRO A 755 156.05 -76.74 -96.97
CA SER A 756 157.25 -74.63 -99.82
CA PRO A 757 160.38 -72.63 -99.63
CA GLN A 758 160.39 -68.97 -98.75
CA CYS A 759 162.29 -66.27 -100.47
CA LEU A 760 159.30 -63.67 -100.50
CA ARG A 761 156.06 -63.53 -98.29
CA SER A 762 152.40 -61.64 -99.02
CA PRO A 763 150.17 -60.22 -96.09
CA PRO A 764 146.55 -61.96 -95.80
CA VAL A 765 144.23 -58.79 -95.69
CA THR A 766 140.46 -58.50 -94.23
CA ARG A 767 138.54 -54.99 -93.73
CA CYS A 768 135.09 -53.21 -92.86
CA PRO A 769 132.62 -52.25 -95.44
CA ASN A 770 131.57 -48.76 -96.41
CA PRO A 771 129.86 -47.13 -93.52
CA GLU A 772 126.62 -45.50 -94.41
CA VAL A 773 124.96 -42.58 -92.72
CA LYS A 774 121.84 -41.40 -94.49
CA HIS A 775 121.98 -37.65 -94.28
CA GLY A 776 125.67 -37.44 -93.72
CA TYR A 777 128.89 -37.81 -95.60
CA LYS A 778 132.23 -39.16 -94.53
CA LEU A 779 135.07 -36.75 -94.86
CA ASN A 780 138.14 -38.71 -93.86
CA LYS A 781 140.39 -41.04 -95.70
CA THR A 782 137.89 -42.92 -97.74
CA HIS A 783 138.85 -46.29 -99.05
CA SER A 784 136.98 -49.11 -100.70
CA ALA A 785 138.07 -51.61 -98.13
CA TYR A 786 138.77 -50.36 -94.63
CA SER A 787 141.24 -52.34 -92.64
CA HIS A 788 141.12 -53.08 -88.97
CA ASN A 789 141.64 -50.01 -86.83
CA ASP A 790 140.76 -47.72 -89.64
CA ILE A 791 138.71 -44.74 -88.54
CA VAL A 792 136.08 -42.81 -90.44
CA TYR A 793 134.64 -39.40 -89.54
CA VAL A 794 131.22 -38.22 -90.62
CA ASP A 795 129.73 -34.82 -91.12
CA CYS A 796 126.05 -34.20 -91.59
CA ASN A 797 124.88 -32.19 -94.54
CA PRO A 798 123.64 -28.77 -93.81
CA GLY A 799 120.37 -28.68 -91.98
CA PHE A 800 121.11 -31.90 -90.18
CA ILE A 801 122.62 -32.62 -86.79
CA MET A 802 124.44 -35.75 -85.77
CA ASN A 803 123.19 -38.00 -83.03
CA GLY A 804 125.95 -40.30 -81.93
CA SER A 805 129.69 -40.22 -82.26
CA ARG A 806 131.15 -38.57 -85.32
CA VAL A 807 133.99 -41.08 -85.53
CA ILE A 808 133.77 -44.80 -86.12
CA ARG A 809 136.49 -47.40 -85.93
CA CYS A 810 136.62 -50.78 -87.58
CA HIS A 811 136.83 -53.60 -85.10
CA THR A 812 138.24 -57.09 -85.28
CA ASP A 813 134.74 -58.46 -85.62
CA ASN A 814 134.64 -56.30 -88.72
CA THR A 815 131.72 -54.32 -87.41
CA TRP A 816 131.80 -50.61 -86.86
CA VAL A 817 132.02 -49.40 -83.32
CA PRO A 818 130.54 -47.46 -82.16
CA GLY A 819 127.68 -48.17 -84.52
CA VAL A 820 127.07 -45.61 -87.23
CA PRO A 821 125.66 -42.31 -86.21
CA THR A 822 122.45 -40.87 -87.58
CA CYS A 823 122.00 -37.40 -88.99
CA ILE A 824 119.94 -37.01 -92.12
CA LYS A 825 119.02 -38.67 -95.55
CA LYS A 826 117.80 -38.61 -99.24
CA ALA A 827 114.34 -39.53 -101.09
CA PHE A 828 112.54 -39.90 -104.07
CA ILE A 829 112.01 -40.73 -107.90
CA GLY A 830 109.26 -41.60 -110.68
CA CYS A 831 106.55 -43.23 -112.44
CA PRO A 832 105.72 -46.60 -113.74
CA PRO A 833 106.56 -47.43 -117.27
CA PRO A 834 104.46 -45.52 -119.69
CA PRO A 835 101.51 -47.15 -121.30
CA LYS A 836 102.19 -48.96 -124.53
CA THR A 837 100.08 -48.12 -127.51
CA PRO A 838 99.16 -50.29 -130.38
CA ASN A 839 100.66 -49.42 -133.74
CA GLY A 840 102.82 -46.90 -131.96
CA ASN A 841 106.15 -46.74 -130.25
CA HIS A 842 107.76 -44.95 -127.37
CA THR A 843 110.38 -42.62 -128.67
CA GLY A 844 113.06 -40.69 -126.98
CA GLY A 845 115.28 -41.35 -124.06
CA ASN A 846 114.55 -44.78 -122.82
CA ILE A 847 114.79 -45.25 -119.16
CA ALA A 848 113.83 -48.36 -117.32
CA ARG A 849 111.93 -46.14 -114.99
CA PHE A 850 111.25 -42.52 -115.55
CA SER A 851 112.10 -40.13 -112.80
CA PRO A 852 109.65 -37.52 -111.88
CA GLY A 853 109.28 -34.56 -114.18
CA MET A 854 110.39 -36.73 -117.04
CA SER A 855 108.57 -36.56 -120.31
CA ILE A 856 107.98 -39.34 -122.76
CA LEU A 857 106.92 -38.94 -126.35
CA TYR A 858 104.82 -41.27 -128.43
CA SER A 859 105.17 -41.84 -132.13
CA CYS A 860 103.09 -43.71 -134.60
CA ASP A 861 104.06 -46.21 -137.25
CA GLN A 862 103.89 -45.17 -140.84
CA GLY A 863 100.33 -45.31 -142.05
CA TYR A 864 98.73 -44.36 -138.80
CA LEU A 865 98.16 -40.96 -137.18
CA LEU A 866 98.27 -39.84 -133.58
CA VAL A 867 95.26 -38.60 -131.74
CA GLY A 868 95.61 -36.93 -128.40
CA GLU A 869 98.61 -35.37 -126.75
CA ALA A 870 101.86 -36.81 -128.00
CA LEU A 871 103.72 -36.24 -124.76
CA LEU A 872 103.04 -37.41 -121.23
CA LEU A 873 104.76 -36.08 -118.16
CA CYS A 874 105.65 -37.86 -114.98
CA THR A 875 104.53 -35.93 -111.98
CA HIS A 876 105.72 -35.39 -108.46
CA GLU A 877 102.66 -37.43 -107.82
CA GLY A 878 104.26 -40.25 -109.70
CA THR A 879 101.27 -40.56 -111.95
CA TRP A 880 101.37 -39.90 -115.63
CA SER A 881 99.60 -36.71 -116.48
CA GLN A 882 97.22 -38.20 -118.97
CA PRO A 883 96.40 -41.25 -120.92
CA ALA A 884 98.52 -42.21 -123.86
CA PRO A 885 97.58 -41.15 -127.30
CA HIS A 886 96.10 -43.60 -129.72
CA CYS A 887 97.17 -44.09 -133.24
CA LYS A 888 97.80 -45.84 -135.97
CA GLU A 889 97.18 -49.41 -137.22
CA VAL A 890 97.89 -51.83 -139.99
CA ASN A 891 96.00 -54.10 -142.50
CA CYS A 892 97.28 -56.93 -145.26
CA SER A 893 98.43 -56.41 -148.79
CA SER A 894 96.91 -58.52 -151.51
CA PRO A 895 98.41 -61.93 -151.49
CA ALA A 896 100.51 -62.61 -154.50
CA ASP A 897 99.22 -65.52 -156.48
CA MET A 898 101.94 -67.86 -157.39
CA ASP A 899 102.78 -68.77 -160.87
CA GLY A 900 101.68 -72.22 -161.68
CA ILE A 901 98.53 -71.68 -159.77
CA GLN A 902 96.02 -69.25 -158.31
CA LYS A 903 94.97 -68.02 -154.92
CA GLY A 904 91.49 -67.61 -153.44
CA LEU A 905 90.91 -64.13 -152.05
CA GLU A 906 87.66 -64.17 -150.19
CA PRO A 907 87.74 -60.81 -151.69
CA ARG A 908 87.79 -57.75 -149.51
CA LYS A 909 88.80 -54.28 -150.45
CA MET A 910 91.28 -54.30 -147.64
CA TYR A 911 92.30 -57.41 -145.87
CA GLN A 912 92.28 -56.98 -142.15
CA TYR A 913 93.63 -59.06 -139.36
CA GLY A 914 92.16 -62.52 -139.44
CA ALA A 915 91.58 -62.61 -143.16
CA VAL A 916 92.61 -65.85 -144.75
CA VAL A 917 93.24 -66.83 -148.36
CA THR A 918 94.01 -70.23 -149.79
CA LEU A 919 96.18 -71.38 -152.68
CA GLU A 920 96.23 -74.43 -154.88
CA CYS A 921 98.78 -75.45 -157.44
CA GLU A 922 98.46 -76.57 -161.02
CA ASP A 923 99.05 -80.22 -161.69
CA GLY A 924 102.73 -80.93 -161.90
CA TYR A 925 103.41 -78.35 -159.26
CA MET A 926 103.32 -78.64 -155.51
CA LEU A 927 103.04 -75.90 -152.97
CA GLU A 928 106.19 -75.19 -151.11
CA GLY A 929 104.69 -73.62 -148.08
CA SER A 930 101.34 -73.57 -146.34
CA PRO A 931 98.17 -73.97 -148.26
CA GLN A 932 96.49 -70.98 -146.73
CA SER A 933 97.60 -67.84 -145.06
CA GLN A 934 96.14 -65.56 -142.46
CA CYS A 935 96.77 -61.91 -141.87
CA GLN A 936 98.96 -61.23 -138.93
CA SER A 937 98.68 -58.44 -136.43
CA ASP A 938 102.05 -57.32 -137.63
CA HIS A 939 100.66 -56.59 -141.07
CA GLN A 940 102.37 -59.66 -142.39
CA TRP A 941 100.95 -62.81 -143.84
CA ASN A 942 101.53 -65.79 -141.60
CA PRO A 943 102.80 -68.02 -142.65
CA PRO A 944 104.52 -66.17 -145.42
CA LEU A 945 103.09 -66.65 -148.87
CA ALA A 946 104.09 -69.91 -150.52
CA VAL A 947 105.10 -70.53 -154.10
CA CYS A 948 104.30 -73.44 -156.33
CA ARG A 949 107.25 -75.31 -157.62
CA SER A 950 107.59 -77.88 -160.32
CA ARG A 951 108.36 -81.47 -159.51
CA ILE A 1 46.79 46.14 -23.29
CA SER A 2 47.36 42.44 -22.77
CA CYS A 3 47.05 38.60 -24.32
CA GLY A 4 47.12 35.56 -22.11
CA SER A 5 49.95 33.04 -21.88
CA PRO A 6 51.15 32.00 -25.36
CA PRO A 7 50.23 28.54 -26.59
CA PRO A 8 52.90 25.95 -25.64
CA ILE A 9 54.95 24.05 -28.18
CA LEU A 10 55.97 20.45 -27.67
CA ASN A 11 59.66 19.82 -28.36
CA GLY A 12 60.22 23.47 -29.03
CA ARG A 13 61.05 26.75 -27.34
CA ILE A 14 59.38 30.13 -27.05
CA SER A 15 61.41 33.32 -26.82
CA TYR A 16 61.60 35.16 -23.47
CA TYR A 17 58.71 37.56 -22.85
CA SER A 18 57.75 40.05 -20.11
CA THR A 19 54.48 40.16 -18.18
CA PRO A 20 51.83 41.36 -18.70
CA ILE A 21 51.72 40.51 -22.42
CA ALA A 22 50.89 43.84 -24.13
CA VAL A 23 49.22 44.32 -27.52
CA GLY A 24 52.06 44.37 -30.04
CA THR A 25 54.23 41.85 -28.20
CA VAL A 26 55.98 39.45 -30.64
CA ILE A 27 56.78 35.89 -29.52
CA ARG A 28 59.09 33.56 -31.48
CA TYR A 29 58.86 29.76 -31.59
CA SER A 30 61.67 27.40 -32.63
CA CYS A 31 62.47 23.66 -32.65
CA SER A 32 65.50 21.54 -31.64
CA GLY A 33 67.89 20.40 -34.32
CA THR A 34 66.25 17.10 -35.10
CA PHE A 35 62.82 18.64 -35.36
CA ARG A 36 61.22 20.84 -37.95
CA LEU A 37 58.97 23.85 -37.33
CA ILE A 38 55.63 23.68 -39.15
CA GLY A 39 53.80 27.02 -39.42
CA GLU A 40 54.70 30.69 -38.91
CA LYS A 41 57.34 31.09 -36.16
CA SER A 42 56.22 34.48 -34.76
CA LEU A 43 52.96 35.24 -33.05
CA LEU A 44 51.76 38.79 -32.48
CA CYS A 45 49.56 39.89 -29.58
CA ILE A 46 46.76 41.85 -31.24
CA THR A 47 43.27 43.14 -30.41
CA LYS A 48 40.48 42.78 -32.97
CA ASP A 49 37.64 44.32 -30.89
CA LYS A 50 39.65 46.90 -28.95
CA VAL A 51 38.68 45.21 -25.70
CA ASP A 52 40.32 41.79 -25.51
CA GLY A 53 43.74 40.67 -26.75
CA THR A 54 44.43 37.51 -28.80
CA TRP A 55 47.52 36.06 -30.45
CA ASP A 56 47.15 36.67 -34.20
CA LYS A 57 47.61 33.03 -35.17
CA PRO A 58 47.80 29.51 -33.76
CA ALA A 59 51.14 28.38 -32.40
CA PRO A 60 53.28 26.45 -34.91
CA LYS A 61 54.40 22.85 -34.09
CA CYS A 62 57.65 20.90 -34.00
CA GLU A 63 56.98 17.91 -36.31
CA TYR A 64 59.23 16.54 -39.33
CA PHE A 65 56.87 15.78 -42.45
CA ASN A 66 57.13 12.23 -44.14
CA LYS A 67 57.98 10.73 -47.72
CA TYR A 68 56.20 8.60 -50.39
CA SER A 69 57.39 7.49 -54.03
CA SER A 70 56.09 5.70 -57.43
CA CYS A 71 57.96 2.52 -58.95
CA PRO A 72 59.33 1.02 -62.15
CA GLU A 73 57.67 -2.00 -63.66
CA PRO A 74 58.59 -4.98 -61.46
CA ILE A 75 59.89 -7.83 -63.57
CA VAL A 76 60.36 -11.44 -62.55
CA PRO A 77 62.04 -13.71 -65.11
CA GLY A 78 60.20 -16.98 -65.37
CA GLY A 79 57.07 -15.35 -63.97
CA TYR A 80 54.27 -12.83 -64.61
CA LYS A 81 51.84 -10.51 -62.81
CA ILE A 82 48.44 -11.84 -61.76
CA ARG A 83 47.47 -8.69 -59.93
CA GLY A 84 48.26 -4.96 -60.19
CA SER A 85 49.45 -3.08 -63.32
CA THR A 86 50.93 0.25 -64.38
CA PRO A 87 51.06 3.02 -63.22
CA TYR A 88 52.78 1.95 -59.98
CA ARG A 89 52.11 4.54 -57.25
CA HIS A 90 52.75 4.79 -53.53
CA GLY A 91 51.02 1.97 -51.68
CA ASP A 92 50.13 0.02 -54.88
CA SER A 93 50.71 -3.68 -54.77
CA VAL A 94 51.66 -6.31 -57.31
CA THR A 95 51.25 -10.08 -57.07
CA PHE A 96 53.30 -12.51 -59.21
CA ALA A 97 52.89 -16.18 -60.29
CA CYS A 98 55.50 -18.42 -61.94
CA LYS A 99 55.06 -19.75 -65.47
CA THR A 100 54.57 -23.50 -66.04
CA ASN A 101 57.65 -25.57 -65.07
CA PHE A 102 58.74 -22.78 -62.74
CA SER A 103 58.45 -22.63 -58.96
CA MET A 104 58.48 -19.50 -56.83
CA ASN A 105 61.00 -18.41 -54.23
CA GLY A 106 60.26 -15.55 -51.89
CA ASN A 107 57.12 -13.52 -51.31
CA LYS A 108 54.69 -13.35 -54.21
CA SER A 109 53.44 -9.78 -53.49
CA VAL A 110 55.30 -6.50 -53.36
CA TRP A 111 54.34 -2.89 -52.57
CA CYS A 112 55.48 0.33 -54.20
CA GLN A 113 57.28 2.24 -51.40
CA ALA A 114 57.76 6.00 -50.93
CA ASN A 115 61.44 5.64 -51.91
CA ASN A 116 60.26 4.40 -55.35
CA MET A 117 61.33 0.84 -54.74
CA TRP A 118 59.38 -2.36 -54.40
CA GLY A 119 57.99 -4.05 -51.31
CA PRO A 120 59.46 -4.72 -47.89
CA THR A 121 60.95 -7.93 -49.35
CA ARG A 122 62.90 -8.48 -52.55
CA LEU A 123 61.02 -9.49 -55.74
CA PRO A 124 60.24 -13.19 -55.82
CA THR A 125 62.15 -15.47 -58.18
CA CYS A 126 60.97 -18.27 -60.45
CA VAL A 127 61.40 -19.14 -64.24
CA SER A 128 61.04 -17.84 -67.97
CA VAL A 129 61.28 -20.36 -71.11
CA PHE A 130 60.53 -19.48 -74.96
CA PRO A 131 62.01 -20.21 -78.55
CA LEU A 132 60.91 -21.17 -82.34
CA GLU A 133 63.22 -21.21 -85.57
CA CYS A 134 61.07 -20.73 -88.75
CA PRO A 135 57.46 -20.04 -88.04
CA ALA A 136 55.09 -22.98 -88.15
CA LEU A 137 53.96 -23.87 -91.63
CA PRO A 138 50.71 -22.56 -92.85
CA MET A 139 47.62 -24.70 -92.54
CA ILE A 140 46.08 -25.96 -95.69
CA HIS A 141 42.45 -26.82 -95.77
CA ASN A 142 41.90 -30.50 -96.34
CA GLY A 143 45.55 -31.50 -95.97
CA HIS A 144 48.63 -31.49 -93.65
CA HIS A 145 51.80 -33.50 -93.00
CA THR A 146 54.23 -33.11 -90.18
CA SER A 147 57.95 -33.03 -89.98
CA GLU A 148 59.44 -34.45 -86.90
CA ASN A 149 58.53 -31.45 -84.86
CA VAL A 150 55.99 -29.01 -86.05
CA GLY A 151 55.21 -25.70 -84.51
CA SER A 152 58.86 -24.98 -84.88
CA ILE A 153 61.20 -25.88 -87.65
CA ALA A 154 64.91 -25.47 -87.89
CA PRO A 155 66.14 -23.61 -90.86
CA GLY A 156 66.43 -25.58 -94.04
CA LEU A 157 63.60 -27.61 -92.66
CA SER A 158 61.28 -28.85 -95.32
CA VAL A 159 57.61 -29.44 -94.93
CA THR A 160 55.61 -31.57 -97.29
CA TYR A 161 51.92 -31.20 -97.93
CA SER A 162 49.37 -33.87 -98.73
CA CYS A 163 45.68 -33.82 -99.56
CA GLU A 164 42.73 -35.89 -98.33
CA SER A 165 41.20 -38.55 -100.49
CA GLY A 166 39.17 -36.88 -103.17
CA TYR A 167 41.39 -33.84 -103.27
CA LEU A 168 44.12 -32.85 -105.70
CA LEU A 169 47.12 -30.76 -104.87
CA VAL A 170 48.02 -27.85 -107.07
CA GLY A 171 51.19 -25.90 -106.61
CA GLU A 172 54.47 -26.92 -105.07
CA LYS A 173 54.04 -29.81 -102.70
CA ILE A 174 56.93 -28.86 -100.45
CA ILE A 175 58.19 -25.61 -99.03
CA ASN A 176 61.49 -24.98 -97.32
CA CYS A 177 62.41 -22.21 -95.01
CA LEU A 178 65.50 -20.08 -95.09
CA SER A 179 68.18 -20.11 -92.42
CA SER A 180 66.16 -17.31 -91.00
CA GLY A 181 63.14 -15.77 -92.51
CA LYS A 182 59.98 -16.99 -94.06
CA TRP A 183 58.93 -19.96 -96.07
CA SER A 184 59.94 -20.14 -99.68
CA ALA A 185 56.46 -19.69 -100.97
CA VAL A 186 52.74 -20.12 -100.39
CA PRO A 187 51.38 -23.45 -99.57
CA PRO A 188 49.70 -25.67 -102.09
CA THR A 189 45.96 -25.88 -102.27
CA CYS A 190 43.83 -28.96 -102.39
CA GLU A 191 41.11 -25.96 -102.12
CA GLU A 192 38.57 -23.73 -104.23
CA ALA A 193 35.19 -22.54 -102.47
CA ARG A 194 33.33 -19.37 -101.16
CA CYS A 195 30.20 -17.15 -100.48
CA LYS A 196 29.80 -13.45 -101.09
CA SER A 197 30.99 -11.32 -98.23
CA LEU A 198 28.22 -10.56 -95.82
CA GLY A 199 27.78 -6.91 -95.13
CA ARG A 200 27.64 -5.88 -91.52
CA PHE A 201 24.30 -5.19 -89.95
CA PRO A 202 23.54 -2.06 -88.11
CA ASN A 203 23.70 -2.25 -84.34
CA GLY A 204 25.19 -5.67 -84.57
CA LYS A 205 28.17 -7.59 -85.78
CA VAL A 206 28.89 -10.67 -87.77
CA LYS A 207 31.34 -13.05 -86.23
CA GLU A 208 33.36 -14.80 -88.81
CA PRO A 209 35.33 -17.89 -88.45
CA PRO A 210 38.78 -17.56 -89.82
CA ILE A 211 37.28 -18.25 -93.20
CA LEU A 212 33.90 -18.05 -94.80
CA ARG A 213 33.84 -20.54 -97.62
CA VAL A 214 31.45 -23.31 -98.39
CA GLY A 215 30.72 -25.16 -95.19
CA VAL A 216 31.55 -22.35 -92.82
CA THR A 217 28.98 -20.59 -90.70
CA ALA A 218 28.90 -17.02 -89.60
CA ASN A 219 27.23 -16.00 -86.39
CA PHE A 220 25.16 -12.90 -85.99
CA PHE A 221 25.01 -11.08 -82.71
CA CYS A 222 23.67 -7.74 -81.63
CA ASP A 223 24.88 -5.15 -79.23
CA GLU A 224 23.28 -5.58 -75.87
CA GLY A 225 19.78 -4.21 -75.87
CA TYR A 226 19.04 -5.11 -79.47
CA ARG A 227 17.58 -8.40 -80.64
CA LEU A 228 18.26 -10.13 -83.89
CA GLN A 229 15.36 -10.24 -86.25
CA GLY A 230 16.17 -13.19 -88.39
CA PRO A 231 18.30 -16.22 -88.04
CA PRO A 232 21.06 -16.46 -85.54
CA SER A 233 23.58 -17.95 -87.94
CA SER A 234 24.00 -18.45 -91.62
CA ARG A 235 25.88 -21.21 -93.36
CA CYS A 236 27.63 -20.97 -96.67
CA VAL A 237 26.11 -23.76 -98.65
CA ILE A 238 26.33 -25.01 -102.18
CA ALA A 239 23.03 -25.52 -103.93
CA GLY A 240 22.58 -26.74 -107.45
CA GLN A 241 24.90 -24.40 -109.26
CA GLY A 242 25.04 -21.76 -106.62
CA VAL A 243 26.68 -20.87 -103.37
CA ALA A 244 24.51 -18.89 -101.05
CA TRP A 245 23.93 -17.98 -97.43
CA THR A 246 20.78 -17.10 -95.50
CA LYS A 247 19.31 -13.65 -95.48
CA MET A 248 21.15 -11.47 -93.05
CA PRO A 249 19.31 -10.56 -89.98
CA VAL A 250 18.43 -7.06 -88.89
CA CYS A 251 18.80 -5.93 -85.37
CA GLU A 252 19.34 -3.14 -83.07
CA GLU A 253 22.32 -0.39 -82.44
CA ILE A 254 21.90 1.85 -79.19
CA PHE A 255 23.87 5.32 -78.86
CA CYS A 256 24.40 7.82 -75.78
CA PRO A 257 23.10 7.50 -72.31
CA SER A 258 20.83 9.94 -70.58
CA PRO A 259 22.27 13.33 -70.17
CA PRO A 260 23.73 14.51 -66.94
CA PRO A 261 21.23 15.96 -64.57
CA ILE A 262 21.68 19.46 -63.31
CA LEU A 263 20.56 20.82 -60.00
CA ASN A 264 18.03 23.61 -60.32
CA GLY A 265 17.99 23.11 -64.05
CA ARG A 266 16.06 21.08 -66.57
CA HIS A 267 16.65 19.52 -69.91
CA ILE A 268 14.23 20.58 -72.52
CA GLY A 269 12.93 18.55 -75.36
CA ASN A 270 15.38 15.80 -74.95
CA SER A 271 13.93 12.38 -75.39
CA LEU A 272 14.08 10.48 -72.17
CA ALA A 273 14.78 7.49 -74.28
CA ASN A 274 18.37 7.19 -75.28
CA VAL A 275 19.34 9.65 -77.93
CA SER A 276 21.23 8.76 -81.03
CA TYR A 277 24.61 10.06 -82.03
CA GLY A 278 24.61 13.69 -83.03
CA SER A 279 21.66 14.46 -80.86
CA ILE A 280 21.85 17.84 -79.24
CA VAL A 281 20.46 18.58 -75.83
CA THR A 282 19.85 21.96 -74.27
CA TYR A 283 19.88 22.77 -70.60
CA THR A 284 17.89 25.45 -68.82
CA CYS A 285 17.83 26.84 -65.30
CA ASP A 286 14.90 27.48 -62.99
CA PRO A 287 13.32 30.78 -63.75
CA ASP A 288 11.21 30.31 -60.70
CA PRO A 289 7.71 30.41 -62.00
CA GLU A 290 8.28 33.06 -64.63
CA GLU A 291 11.85 33.89 -65.64
CA GLY A 292 13.63 35.97 -63.09
CA VAL A 293 16.92 36.50 -61.39
CA ASN A 294 17.37 33.13 -59.86
CA PHE A 295 19.84 30.47 -60.81
CA ILE A 296 21.68 31.28 -64.02
CA LEU A 297 23.29 28.87 -66.43
CA ILE A 298 27.05 28.84 -66.47
CA GLY A 299 29.03 26.94 -69.04
CA GLU A 300 28.01 25.56 -72.39
CA SER A 301 24.26 25.36 -72.42
CA THR A 302 24.25 22.61 -74.98
CA LEU A 303 25.85 19.18 -75.25
CA ARG A 304 26.15 16.84 -78.20
CA CYS A 305 26.41 13.09 -78.40
CA THR A 306 29.70 11.89 -79.78
CA VAL A 307 31.27 8.49 -80.34
CA ASP A 308 34.84 7.60 -79.44
CA SER A 309 35.15 4.91 -82.06
CA GLN A 310 31.70 3.82 -83.08
CA LYS A 311 31.65 2.59 -79.54
CA THR A 312 29.28 3.62 -76.89
CA GLY A 313 28.33 7.18 -77.32
CA THR A 314 29.64 9.76 -74.94
CA TRP A 315 28.57 13.32 -74.36
CA SER A 316 30.92 16.05 -75.55
CA GLY A 317 31.42 17.70 -72.21
CA PRO A 318 30.14 18.26 -68.77
CA ALA A 319 26.75 19.74 -68.17
CA PRO A 320 26.33 23.32 -67.21
CA ARG A 321 25.69 24.49 -63.68
CA CYS A 322 22.95 26.77 -62.42
CA GLU A 323 23.33 29.44 -59.69
CA LEU A 324 21.72 30.08 -56.19
CA SER A 325 22.51 33.60 -54.42
CA THR A 326 21.12 35.89 -51.35
CA SER A 327 17.54 37.52 -50.89
CA ALA A 328 16.19 40.94 -49.06
CA VAL A 329 13.13 42.43 -47.00
CA GLN A 330 10.47 45.11 -47.13
CA CYS A 331 9.34 46.98 -43.79
CA PRO A 332 6.14 48.74 -43.04
CA HIS A 333 5.41 50.65 -39.87
CA PRO A 334 5.12 48.41 -36.90
CA GLN A 335 1.65 47.67 -35.69
CA ILE A 336 1.48 48.39 -32.02
CA LEU A 337 -1.14 49.88 -29.80
CA ARG A 338 -0.25 52.27 -27.03
CA GLY A 339 3.38 51.20 -27.04
CA ARG A 340 5.43 53.68 -29.01
CA MET A 341 8.59 52.70 -30.79
CA VAL A 342 11.52 54.80 -29.74
CA SER A 343 14.41 54.03 -32.03
CA GLY A 344 14.97 55.22 -35.52
CA GLN A 345 11.45 55.72 -36.73
CA LYS A 346 11.07 56.02 -40.45
CA ASP A 347 8.25 55.87 -42.95
CA ARG A 348 9.96 53.25 -45.06
CA TYR A 349 12.07 50.71 -43.26
CA THR A 350 14.52 48.37 -44.83
CA TYR A 351 15.99 45.03 -44.05
CA ASN A 352 17.52 44.60 -40.62
CA ASP A 353 16.16 47.73 -39.13
CA THR A 354 15.17 46.98 -35.60
CA VAL A 355 12.67 48.87 -33.54
CA ILE A 356 12.16 48.71 -29.81
CA PHE A 357 8.84 49.54 -28.23
CA ALA A 358 8.18 51.12 -24.92
CA CYS A 359 4.74 51.11 -23.45
CA MET A 360 3.07 54.15 -22.05
CA PHE A 361 3.05 54.59 -18.33
CA GLY A 362 0.78 52.10 -16.68
CA PHE A 363 1.14 49.56 -19.42
CA THR A 364 3.19 46.40 -19.62
CA LEU A 365 4.50 44.89 -22.79
CA LYS A 366 3.31 41.42 -23.57
CA GLY A 367 5.76 40.19 -26.14
CA SER A 368 9.28 40.96 -27.27
CA LYS A 369 10.52 44.49 -26.77
CA GLN A 370 12.18 44.88 -30.12
CA ILE A 371 11.32 43.77 -33.61
CA ARG A 372 13.61 43.22 -36.55
CA CYS A 373 12.70 43.29 -40.18
CA ASN A 374 13.69 40.17 -41.97
CA ALA A 375 14.54 39.42 -45.57
CA GLN A 376 11.05 38.05 -45.94
CA GLY A 377 9.79 41.52 -45.19
CA THR A 378 7.95 40.39 -42.11
CA TRP A 379 8.65 41.40 -38.59
CA GLU A 380 10.16 38.91 -36.25
CA PRO A 381 9.39 38.40 -33.66
CA SER A 382 5.76 39.31 -34.22
CA ALA A 383 4.71 42.73 -32.98
CA PRO A 384 4.02 43.06 -29.31
CA VAL A 385 0.99 44.45 -27.53
CA CYS A 386 0.91 46.80 -24.56
CA GLU A 387 -1.77 45.86 -21.71
CA LYS A 388 -4.30 46.84 -18.67
CA GLU A 389 -5.16 45.69 -14.75
CA CYS A 390 -6.77 46.32 -11.17
CA GLN A 391 -5.31 47.96 -8.13
CA ALA A 392 -5.07 46.19 -4.83
CA PRO A 393 -8.26 45.90 -2.96
CA PRO A 394 -9.27 48.32 -0.34
CA ASN A 395 -8.42 47.62 3.27
CA ILE A 396 -11.12 46.86 5.76
CA LEU A 397 -10.90 47.53 9.46
CA ASN A 398 -11.44 44.48 11.58
CA GLY A 399 -11.62 42.43 8.42
CA GLN A 400 -9.36 40.43 6.15
CA LYS A 401 -9.17 39.72 2.46
CA GLU A 402 -9.87 36.16 1.54
CA ASP A 403 -6.86 34.57 -0.08
CA ARG A 404 -6.07 37.40 -2.36
CA HIS A 405 -4.40 35.85 -5.32
CA MET A 406 -2.24 37.93 -7.53
CA VAL A 407 -1.14 41.08 -5.82
CA ARG A 408 -2.27 42.80 -8.94
CA PHE A 409 -5.68 41.46 -9.73
CA ASP A 410 -6.52 41.13 -13.37
CA PRO A 411 -9.77 42.36 -14.66
CA GLY A 412 -12.86 40.37 -13.85
CA THR A 413 -11.10 39.16 -10.75
CA SER A 414 -13.17 38.79 -7.64
CA ILE A 415 -12.03 39.51 -4.12
CA LYS A 416 -13.86 38.41 -1.01
CA TYR A 417 -13.82 40.17 2.31
CA SER A 418 -14.04 38.42 5.66
CA CYS A 419 -14.64 39.66 9.19
CA ASN A 420 -12.76 38.54 12.25
CA PRO A 421 -14.50 36.61 14.89
CA GLY A 422 -17.01 38.69 16.76
CA TYR A 423 -17.81 40.81 13.75
CA VAL A 424 -20.44 40.60 11.08
CA LEU A 425 -20.21 41.98 7.62
CA VAL A 426 -22.46 44.63 6.21
CA GLY A 427 -22.63 45.29 2.51
CA GLU A 428 -21.46 43.38 -0.52
CA GLU A 429 -19.11 40.65 0.56
CA SER A 430 -17.38 40.47 -2.78
CA ILE A 431 -16.00 43.12 -5.08
CA GLN A 432 -14.97 42.71 -8.64
CA CYS A 433 -12.87 45.05 -10.64
CA THR A 434 -14.27 45.56 -14.07
CA SER A 435 -14.46 47.95 -16.96
CA GLU A 436 -10.75 47.37 -16.82
CA GLY A 437 -10.73 49.92 -14.09
CA VAL A 438 -10.96 50.07 -10.35
CA TRP A 439 -13.05 47.96 -8.02
CA THR A 440 -16.68 48.68 -8.59
CA PRO A 441 -18.17 48.63 -5.13
CA PRO A 442 -17.02 50.10 -1.90
CA VAL A 443 -15.59 47.61 0.54
CA PRO A 444 -17.90 46.17 3.12
CA GLN A 445 -17.73 47.07 6.79
CA CYS A 446 -17.35 44.68 9.65
CA LYS A 447 -19.88 46.62 11.91
CA VAL A 448 -22.01 45.08 14.71
CA ALA A 449 -25.97 45.20 15.91
CA ALA A 450 -27.06 45.39 19.48
CA CYS A 451 -29.83 46.06 22.20
CA GLU A 452 -28.42 46.18 25.84
CA ALA A 453 -28.44 43.08 28.18
CA THR A 454 -31.60 42.50 30.41
CA GLY A 455 -31.78 41.80 34.18
CA ARG A 456 -33.46 38.36 34.75
CA GLN A 457 -36.73 38.65 36.82
CA LEU A 458 -36.94 36.09 39.75
CA LEU A 459 -38.89 33.11 38.17
CA THR A 460 -39.10 34.09 34.38
CA LYS A 461 -37.49 32.86 31.03
CA PRO A 462 -35.26 35.51 29.09
CA GLN A 463 -34.27 35.06 25.35
CA HIS A 464 -31.24 37.18 24.10
CA GLN A 465 -30.15 37.31 20.47
CA PHE A 466 -29.58 41.09 20.69
CA VAL A 467 -31.74 42.40 17.62
CA ARG A 468 -34.93 40.54 16.24
CA PRO A 469 -36.76 38.10 18.87
CA ASP A 470 -40.24 38.61 20.48
CA VAL A 471 -39.52 38.28 24.31
CA ASN A 472 -42.88 37.13 25.89
CA SER A 473 -42.43 37.39 29.77
CA SER A 474 -43.68 33.98 31.14
CA CYS A 475 -43.60 33.75 35.02
CA GLY A 476 -43.23 30.39 36.97
CA GLU A 477 -46.72 28.91 37.75
CA GLY A 478 -47.95 30.51 41.01
CA TYR A 479 -46.34 33.97 40.18
CA LYS A 480 -47.97 36.79 38.02
CA LEU A 481 -46.42 39.46 35.61
CA SER A 482 -46.50 43.23 36.65
CA GLY A 483 -45.98 45.43 33.48
CA SER A 484 -46.23 44.19 29.82
CA VAL A 485 -46.81 40.79 27.95
CA TYR A 486 -44.38 41.07 24.86
CA GLN A 487 -41.35 43.19 23.60
CA GLU A 488 -39.33 43.13 20.28
CA CYS A 489 -35.82 44.74 19.98
CA GLN A 490 -35.22 47.00 16.87
CA GLY A 491 -32.76 49.30 14.95
CA THR A 492 -34.60 52.37 16.48
CA ILE A 493 -35.07 52.30 20.42
CA PRO A 494 -33.22 49.20 22.09
CA TRP A 495 -36.13 47.35 23.91
CA PHE A 496 -39.81 48.33 23.08
CA MET A 497 -40.92 48.60 26.84
CA GLU A 498 -39.71 48.44 30.56
CA ILE A 499 -38.75 45.11 32.41
CA ARG A 500 -41.52 43.63 34.67
CA LEU A 501 -41.63 41.79 38.12
CA CYS A 502 -42.99 38.20 38.74
CA LYS A 503 -41.02 38.76 42.39
CA GLU A 504 -41.49 40.81 45.71
CA ILE A 505 -40.40 43.89 48.17
CA THR A 506 -38.13 45.20 51.13
CA CYS A 507 -39.33 46.28 54.64
CA PRO A 508 -42.50 45.38 56.36
CA PRO A 509 -44.73 48.03 57.73
CA PRO A 510 -43.32 49.90 60.62
CA PRO A 511 -44.37 49.17 64.11
CA VAL A 512 -47.31 51.13 65.37
CA ILE A 513 -46.92 52.94 68.64
CA TYR A 514 -49.60 53.59 71.21
CA ASN A 515 -50.50 57.24 71.60
CA GLY A 516 -48.13 58.03 68.78
CA ALA A 517 -48.45 58.39 65.07
CA HIS A 518 -46.42 57.73 61.98
CA THR A 519 -45.79 60.89 60.13
CA GLY A 520 -46.21 60.85 56.41
CA SER A 521 -46.77 57.14 56.38
CA SER A 522 -46.00 56.17 52.85
CA LEU A 523 -46.92 53.08 50.96
CA GLU A 524 -47.01 50.07 53.17
CA ASP A 525 -44.12 48.97 51.10
CA PHE A 526 -41.23 50.96 52.46
CA PRO A 527 -38.29 51.16 50.24
CA TYR A 528 -34.81 50.23 51.28
CA GLY A 529 -33.16 53.02 53.18
CA THR A 530 -36.51 54.67 53.68
CA THR A 531 -36.98 56.49 56.93
CA VAL A 532 -40.04 56.58 59.14
CA THR A 533 -40.52 59.22 61.79
CA TYR A 534 -42.69 58.84 64.85
CA THR A 535 -44.43 61.46 66.93
CA CYS A 536 -46.53 61.49 70.08
CA ASN A 537 -49.98 62.99 70.46
CA PRO A 538 -49.61 66.55 71.61
CA GLY A 539 -53.29 66.68 71.30
CA PRO A 540 -53.89 69.07 68.54
CA GLU A 541 -51.53 71.98 69.17
CA ARG A 542 -49.04 70.54 71.56
CA GLY A 543 -49.24 69.80 75.21
CA VAL A 544 -47.77 67.79 77.97
CA GLU A 545 -49.41 64.55 77.07
CA PHE A 546 -47.24 61.60 76.22
CA SER A 547 -43.54 62.07 75.65
CA LEU A 548 -41.35 60.42 73.07
CA ILE A 549 -38.74 58.13 74.45
CA GLY A 550 -36.02 56.57 72.37
CA GLU A 551 -35.06 56.98 68.73
CA SER A 552 -37.62 59.12 67.02
CA THR A 553 -36.70 57.69 63.64
CA ILE A 554 -36.24 54.23 62.19
CA ARG A 555 -34.81 53.15 58.86
CA CYS A 556 -35.17 50.17 56.54
CA THR A 557 -32.02 48.13 56.40
CA SER A 558 -30.86 44.66 55.58
CA ASN A 559 -29.81 41.80 57.83
CA ASP A 560 -31.26 38.72 56.25
CA GLN A 561 -30.97 38.81 52.51
CA GLU A 562 -34.49 39.89 51.86
CA ARG A 563 -37.51 40.85 53.87
CA GLY A 564 -35.64 43.95 54.95
CA THR A 565 -35.82 44.58 58.65
CA TRP A 566 -35.98 47.85 60.45
CA SER A 567 -33.02 49.24 62.35
CA GLY A 568 -34.52 49.05 65.80
CA PRO A 569 -37.52 49.25 67.97
CA ALA A 570 -39.93 52.12 67.74
CA PRO A 571 -40.04 54.78 70.35
CA LEU A 572 -42.48 54.83 73.25
CA CYS A 573 -44.85 57.64 74.12
CA LYS A 574 -48.20 58.41 74.96
CA LEU A 575 -50.85 59.04 71.99
CA SER A 576 -54.75 59.18 72.09
CA LEU A 577 -57.81 61.00 70.56
CA LEU A 578 -61.10 62.31 72.07
CA ALA A 579 -63.42 64.17 69.52
CA VAL A 580 -67.31 65.27 69.59
CA GLN A 581 -70.53 64.04 67.58
CA CYS A 582 -74.17 64.97 68.78
CA SER A 583 -77.84 64.97 68.02
CA HIS A 584 -80.33 67.68 68.93
CA VAL A 585 -80.33 68.52 72.59
CA HIS A 586 -83.40 67.36 74.38
CA ILE A 587 -84.78 70.09 76.56
CA ALA A 588 -88.35 71.19 76.93
CA ASN A 589 -89.31 74.78 77.70
CA GLY A 590 -85.78 76.01 77.18
CA TYR A 591 -84.66 76.65 73.61
CA LYS A 592 -80.97 76.79 72.81
CA ILE A 593 -79.89 79.96 71.08
CA SER A 594 -76.42 79.46 69.74
CA GLY A 595 -75.12 77.57 66.74
CA LYS A 596 -78.32 75.54 66.31
CA GLU A 597 -77.23 73.15 63.61
CA ALA A 598 -77.65 69.58 62.67
CA PRO A 599 -75.61 67.58 63.12
CA TYR A 600 -73.43 68.94 65.92
CA PHE A 601 -69.81 67.98 66.08
CA TYR A 602 -67.50 67.38 68.99
CA ASN A 603 -66.88 70.42 71.13
CA ASP A 604 -69.92 72.24 69.96
CA THR A 605 -71.61 73.84 72.91
CA VAL A 606 -74.99 75.37 73.18
CA THR A 607 -76.60 77.59 75.77
CA PHE A 608 -80.21 77.19 76.75
CA LYS A 609 -82.46 80.17 77.20
CA CYS A 610 -85.68 79.44 78.99
CA TYR A 611 -89.14 80.62 78.08
CA SER A 612 -90.28 83.60 80.07
CA GLY A 613 -91.45 82.44 83.45
CA PHE A 614 -89.02 79.55 83.65
CA THR A 615 -85.79 78.94 85.50
CA LEU A 616 -83.19 76.37 84.56
CA LYS A 617 -82.63 73.50 86.87
CA GLY A 618 -79.26 72.31 85.68
CA SER A 619 -76.31 73.69 83.74
CA SER A 620 -77.15 76.41 81.28
CA GLN A 621 -74.76 75.31 78.54
CA ILE A 622 -74.11 71.88 77.11
CA ARG A 623 -71.00 70.48 75.42
CA CYS A 624 -70.70 67.62 72.98
CA LYS A 625 -68.20 65.03 74.05
CA ALA A 626 -66.29 62.40 72.15
CA ASP A 627 -68.65 59.79 73.52
CA ASN A 628 -71.27 61.71 71.57
CA THR A 629 -73.22 62.40 74.71
CA TRP A 630 -73.82 65.79 76.18
CA ASP A 631 -71.94 66.85 79.25
CA PRO A 632 -73.20 67.92 81.48
CA GLU A 633 -76.45 66.14 80.70
CA ILE A 634 -79.30 68.21 79.37
CA PRO A 635 -81.01 70.48 81.81
CA VAL A 636 -84.67 71.21 82.21
CA CYS A 637 -86.34 74.58 82.34
CA GLU A 638 -89.53 76.25 82.33
CA LYS A 639 -91.37 79.13 80.46
CA GLU A 640 -94.45 81.58 81.35
CA THR A 641 -96.85 84.41 79.94
CA CYS A 642 -97.67 88.19 79.88
CA GLN A 643 -100.52 90.26 81.12
CA HIS A 644 -103.86 89.25 79.71
CA VAL A 645 -104.29 90.33 76.13
CA ARG A 646 -107.85 91.22 75.31
CA GLN A 647 -109.34 88.83 72.86
CA SER A 648 -109.85 91.06 69.93
CA LEU A 649 -113.35 90.66 68.74
CA GLN A 650 -113.44 88.12 65.97
CA GLU A 651 -109.84 87.23 66.58
CA LEU A 652 -107.84 84.61 68.48
CA PRO A 653 -105.82 84.85 71.70
CA ALA A 654 -103.18 82.82 73.60
CA GLY A 655 -100.57 83.79 76.11
CA SER A 656 -97.55 82.73 78.09
CA ARG A 657 -94.09 84.08 78.67
CA VAL A 658 -92.84 82.35 75.61
CA GLU A 659 -95.83 82.29 73.37
CA LEU A 660 -95.94 84.07 70.10
CA VAL A 661 -99.28 85.23 69.08
CA ASN A 662 -100.23 85.68 65.52
CA THR A 663 -103.30 87.68 65.02
CA SER A 664 -105.67 86.22 62.58
CA CYS A 665 -109.09 87.64 62.21
CA GLN A 666 -112.09 85.59 61.31
CA ASP A 667 -112.69 85.64 57.61
CA GLY A 668 -114.41 88.86 56.65
CA TYR A 669 -112.54 90.94 59.19
CA GLN A 670 -109.10 92.31 58.45
CA LEU A 671 -106.59 92.97 61.18
CA THR A 672 -105.57 96.50 61.89
CA GLY A 673 -102.35 96.39 63.78
CA HIS A 674 -99.40 94.06 63.76
CA ALA A 675 -99.58 90.55 62.44
CA TYR A 676 -97.62 88.89 65.22
CA GLN A 677 -96.51 89.75 68.71
CA MET A 678 -94.52 87.49 70.92
CA CYS A 679 -94.64 87.48 74.67
CA GLN A 680 -91.06 87.83 75.73
CA ASP A 681 -88.49 88.55 78.41
CA ALA A 682 -89.48 90.84 81.26
CA GLU A 683 -86.40 92.98 81.30
CA ASN A 684 -86.88 94.07 77.76
CA GLY A 685 -90.51 94.64 78.55
CA ILE A 686 -93.85 92.97 77.96
CA TRP A 687 -95.57 91.69 74.80
CA PHE A 688 -93.77 92.57 71.64
CA LYS A 689 -96.41 94.81 70.24
CA LYS A 690 -99.77 96.28 71.00
CA ILE A 691 -102.66 94.12 69.90
CA PRO A 692 -104.42 94.77 66.67
CA LEU A 693 -108.12 95.27 66.18
CA CYS A 694 -110.09 93.48 63.52
CA LYS A 695 -112.53 95.68 61.36
CA VAL A 696 -113.18 95.15 57.45
CA ILE A 697 -115.93 96.62 54.95
CA HIS A 698 -118.25 94.97 52.32
CA CYS A 699 -120.16 95.90 48.88
CA HIS A 700 -117.96 97.03 46.04
CA PRO A 701 -117.17 100.58 45.33
CA PRO A 702 -119.89 102.86 44.17
CA PRO A 703 -120.43 103.60 40.56
CA VAL A 704 -118.95 106.82 39.32
CA ILE A 705 -121.07 109.22 37.36
CA VAL A 706 -119.91 111.70 34.80
CA ASN A 707 -120.08 115.35 35.74
CA GLY A 708 -120.60 114.33 39.32
CA LYS A 709 -118.61 113.30 42.34
CA HIS A 710 -119.15 111.11 45.34
CA THR A 711 -118.91 113.03 48.51
CA GLY A 712 -117.11 111.81 51.58
CA MET A 713 -116.32 108.59 49.86
CA MET A 714 -114.79 106.23 52.31
CA ALA A 715 -111.82 104.46 50.97
CA GLU A 716 -111.78 100.75 50.90
CA ASN A 717 -114.91 98.70 50.85
CA PHE A 718 -118.05 100.28 52.07
CA LEU A 719 -119.50 98.40 54.98
CA TYR A 720 -122.94 96.93 54.85
CA GLY A 721 -125.62 99.52 55.25
CA ASN A 722 -123.22 102.26 54.36
CA GLU A 723 -124.72 105.08 52.38
CA VAL A 724 -123.03 107.07 49.67
CA SER A 725 -124.19 110.43 48.43
CA TYR A 726 -123.63 111.84 44.96
CA GLU A 727 -123.25 115.50 44.09
CA CYS A 728 -122.94 117.19 40.78
CA ASP A 729 -120.63 119.72 39.30
CA GLN A 730 -121.51 123.32 38.89
CA GLY A 731 -123.99 123.79 36.10
CA PHE A 732 -125.30 120.26 36.32
CA TYR A 733 -128.56 119.05 37.75
CA LEU A 734 -129.06 115.78 39.54
CA LEU A 735 -131.75 113.42 38.38
CA GLY A 736 -132.67 110.31 40.26
CA GLU A 737 -131.87 109.13 43.76
CA LYS A 738 -129.11 111.21 45.26
CA LYS A 739 -128.01 108.46 47.58
CA LEU A 740 -127.47 104.71 47.39
CA GLN A 741 -127.10 102.22 50.19
CA CYS A 742 -125.37 98.86 50.44
CA ARG A 743 -127.70 95.98 51.02
CA SER A 744 -127.70 92.23 50.70
CA ASP A 745 -129.58 89.78 48.55
CA SER A 746 -128.65 86.19 49.03
CA LYS A 747 -125.39 86.58 50.86
CA GLY A 748 -121.96 88.04 50.36
CA HIS A 749 -122.89 89.74 47.14
CA GLY A 750 -122.97 93.17 48.71
CA SER A 751 -125.02 94.78 45.97
CA TRP A 752 -126.01 98.43 45.90
CA SER A 753 -129.64 99.48 46.12
CA GLY A 754 -129.91 100.93 42.66
CA PRO A 755 -128.20 102.77 39.93
CA SER A 756 -126.51 106.05 40.60
CA PRO A 757 -128.05 109.30 39.62
CA GLN A 758 -127.16 111.08 36.44
CA CYS A 759 -126.41 114.71 36.04
CA LEU A 760 -124.06 117.19 34.82
CA ARG A 761 -121.06 118.85 36.52
CA SER A 762 -119.20 122.18 37.16
CA PRO A 763 -115.26 121.75 36.77
CA PRO A 764 -113.19 124.98 37.77
CA VAL A 765 -109.34 125.53 37.22
CA THR A 766 -107.23 128.88 37.69
CA ARG A 767 -105.04 131.75 36.13
CA CYS A 768 -101.98 133.29 38.20
CA PRO A 769 -101.01 134.95 41.35
CA ASN A 770 -98.70 137.90 41.76
CA PRO A 771 -95.25 136.93 40.67
CA GLU A 772 -92.58 137.90 43.11
CA VAL A 773 -88.97 138.65 42.41
CA LYS A 774 -87.07 139.83 45.45
CA HIS A 775 -84.81 142.56 44.17
CA GLY A 776 -86.84 143.30 41.12
CA TYR A 777 -90.03 144.98 40.11
CA LYS A 778 -92.50 144.15 37.41
CA LEU A 779 -93.07 146.88 34.90
CA ASN A 780 -95.77 145.57 32.62
CA LYS A 781 -99.50 145.50 32.83
CA THR A 782 -99.95 144.70 36.46
CA HIS A 783 -103.20 143.20 37.54
CA SER A 784 -104.43 141.62 40.72
CA ALA A 785 -105.43 138.44 38.98
CA TYR A 786 -103.50 137.42 35.91
CA SER A 787 -105.36 135.34 33.40
CA HIS A 788 -104.00 132.52 31.34
CA ASN A 789 -101.50 133.66 28.76
CA ASP A 790 -100.87 136.88 30.55
CA ILE A 791 -97.25 137.93 30.48
CA VAL A 792 -95.27 139.88 33.05
CA TYR A 793 -91.87 141.54 32.56
CA VAL A 794 -89.45 142.21 35.37
CA ASP A 795 -86.69 144.70 35.80
CA CYS A 796 -84.14 144.54 38.57
CA ASN A 797 -83.56 147.55 40.73
CA PRO A 798 -80.38 149.36 40.21
CA GLY A 799 -77.33 147.50 41.36
CA PHE A 800 -78.89 144.16 40.57
CA ILE A 801 -78.72 141.95 37.52
CA MET A 802 -81.29 139.42 36.43
CA ASN A 803 -80.54 135.75 36.20
CA GLY A 804 -83.19 134.04 34.16
CA SER A 805 -85.73 135.25 31.67
CA ARG A 806 -87.12 138.72 32.11
CA VAL A 807 -90.57 137.67 30.93
CA ILE A 808 -92.93 135.17 32.50
CA ARG A 809 -96.16 133.78 31.15
CA CYS A 810 -99.05 132.28 33.05
CA HIS A 811 -99.70 128.72 32.10
CA THR A 812 -102.79 126.54 32.17
CA ASP A 813 -101.49 124.84 35.28
CA ASN A 814 -101.57 128.32 36.73
CA THR A 815 -97.89 128.28 37.43
CA TRP A 816 -95.47 130.75 35.99
CA VAL A 817 -93.22 129.57 33.23
CA PRO A 818 -90.55 129.94 33.01
CA GLY A 819 -90.23 130.13 36.77
CA VAL A 820 -89.58 133.56 38.23
CA PRO A 821 -86.21 135.06 37.68
CA THR A 822 -83.90 136.17 40.44
CA CYS A 823 -82.19 139.52 40.70
CA ILE A 824 -81.67 141.73 43.61
CA LYS A 825 -83.41 143.73 46.66
CA LYS A 826 -84.09 146.73 49.22
CA ALA A 827 -83.50 147.27 53.07
CA PHE A 828 -84.18 148.82 56.01
CA ILE A 829 -85.98 151.47 58.39
CA GLY A 830 -86.18 153.11 61.99
CA CYS A 831 -85.39 153.33 65.54
CA PRO A 832 -88.13 152.18 67.76
CA PRO A 833 -90.97 154.48 68.46
CA PRO A 834 -89.92 157.38 70.57
CA PRO A 835 -90.62 157.40 74.23
CA LYS A 836 -93.94 158.84 75.28
CA THR A 837 -93.96 161.52 77.90
CA PRO A 838 -96.61 162.33 80.36
CA ASN A 839 -98.44 165.61 79.89
CA GLY A 840 -96.66 165.96 76.59
CA ASN A 841 -97.15 165.00 73.00
CA HIS A 842 -95.06 163.99 70.04
CA THR A 843 -95.24 166.67 67.44
CA GLY A 844 -94.17 166.75 63.88
CA GLY A 845 -94.11 164.25 61.13
CA ASN A 846 -95.59 161.09 62.41
CA ILE A 847 -94.10 157.97 61.12
CA ALA A 848 -94.94 154.54 62.30
CA ARG A 849 -91.26 153.93 62.52
CA PHE A 850 -88.64 156.57 62.20
CA SER A 851 -85.85 155.98 59.77
CA PRO A 852 -82.39 156.70 60.84
CA GLY A 853 -81.30 160.29 61.04
CA MET A 854 -84.87 161.27 61.67
CA SER A 855 -85.65 163.77 64.35
CA ILE A 856 -88.68 163.90 66.56
CA LEU A 857 -89.81 166.87 68.59
CA TYR A 858 -91.65 166.88 71.88
CA SER A 859 -94.17 169.43 72.99
CA CYS A 860 -95.88 170.02 76.25
CA ASP A 861 -99.51 170.62 77.05
CA GLN A 862 -100.59 174.04 78.10
CA GLY A 863 -99.72 174.61 81.72
CA TYR A 864 -96.58 172.55 81.74
CA LEU A 865 -93.04 173.35 80.67
CA LEU A 866 -90.38 171.25 79.00
CA VAL A 867 -87.16 170.34 80.67
CA GLY A 868 -84.35 168.81 78.71
CA GLU A 869 -83.71 168.74 75.01
CA ALA A 870 -86.87 169.07 72.99
CA LEU A 871 -85.58 167.05 70.07
CA LEU A 872 -84.26 163.52 69.83
CA LEU A 873 -82.45 162.09 66.86
CA CYS A 874 -82.46 158.57 65.55
CA THR A 875 -78.98 157.34 64.94
CA HIS A 876 -77.28 155.04 62.53
CA GLU A 877 -77.03 153.02 65.66
CA GLY A 878 -80.77 152.86 65.74
CA THR A 879 -80.82 154.18 69.24
CA TRP A 880 -82.35 157.47 70.20
CA SER A 881 -79.70 159.97 71.08
CA GLN A 882 -81.02 160.80 74.50
CA PRO A 883 -83.86 160.35 76.82
CA ALA A 884 -87.07 162.21 76.23
CA PRO A 885 -87.70 165.48 77.90
CA HIS A 886 -90.07 165.72 80.79
CA CYS A 887 -92.76 168.25 81.17
CA LYS A 888 -93.75 170.15 84.01
CA GLU A 889 -95.56 173.70 84.86
CA VAL A 890 -94.64 177.01 86.59
CA ASN A 891 -96.06 179.88 88.87
CA CYS A 892 -94.40 183.41 89.98
CA SER A 893 -92.22 184.08 92.96
CA SER A 894 -93.73 185.80 95.95
CA PRO A 895 -94.05 189.46 95.31
CA ALA A 896 -91.77 191.51 97.44
CA ASP A 897 -93.65 193.90 99.63
CA MET A 898 -92.20 197.30 99.51
CA ASP A 899 -90.96 199.10 102.49
CA GLY A 900 -93.27 201.84 103.49
CA ILE A 901 -96.19 199.65 102.75
CA GLN A 902 -97.58 196.16 102.27
CA LYS A 903 -98.82 194.00 99.46
CA GLY A 904 -101.97 191.89 99.22
CA LEU A 905 -101.24 188.31 98.22
CA GLU A 906 -104.51 186.62 97.53
CA PRO A 907 -102.47 183.94 99.03
CA ARG A 908 -101.61 180.86 97.07
CA LYS A 909 -98.89 178.38 97.76
CA MET A 910 -97.59 178.95 94.30
CA TYR A 911 -98.66 181.83 92.17
CA GLN A 912 -99.49 180.75 88.69
CA TYR A 913 -100.09 182.67 85.53
CA GLY A 914 -102.91 185.11 85.97
CA ALA A 915 -102.41 185.61 89.66
CA VAL A 916 -102.61 189.22 90.72
CA VAL A 917 -101.54 191.01 93.87
CA THR A 918 -102.07 194.62 94.85
CA LEU A 919 -99.99 197.09 96.82
CA GLU A 920 -100.74 200.22 98.77
CA CYS A 921 -98.38 202.68 100.32
CA GLU A 922 -98.17 204.19 103.77
CA ASP A 923 -99.18 207.79 104.06
CA GLY A 924 -96.34 210.02 103.04
CA TYR A 925 -95.31 207.55 100.42
CA MET A 926 -96.55 207.09 96.90
CA LEU A 927 -96.22 204.08 94.69
CA GLU A 928 -93.75 204.46 91.94
CA GLY A 929 -95.12 201.87 89.60
CA SER A 930 -98.39 200.08 89.07
CA PRO A 931 -100.72 199.43 91.90
CA GLN A 932 -101.17 195.79 91.12
CA SER A 933 -99.24 193.18 89.30
CA GLN A 934 -100.12 190.06 87.41
CA CYS A 935 -98.08 186.99 86.77
CA GLN A 936 -96.73 186.78 83.31
CA SER A 937 -96.36 183.73 81.13
CA ASP A 938 -92.67 184.41 81.21
CA HIS A 939 -92.55 183.80 84.92
CA GLN A 940 -92.16 187.49 85.51
CA TRP A 941 -94.43 189.92 87.22
CA ASN A 942 -95.93 192.41 84.81
CA PRO A 943 -95.61 195.11 85.31
CA PRO A 944 -92.54 194.72 87.41
CA LEU A 945 -93.02 195.15 91.13
CA ALA A 946 -93.22 198.77 92.25
CA VAL A 947 -91.69 200.40 95.27
CA CYS A 948 -93.09 203.05 97.54
CA ARG A 949 -91.10 206.21 97.72
CA SER A 950 -91.28 209.12 100.06
CA ARG A 951 -92.52 212.48 98.90
#